data_9OG9
#
_entry.id   9OG9
#
_cell.length_a   1.00
_cell.length_b   1.00
_cell.length_c   1.00
_cell.angle_alpha   90.00
_cell.angle_beta   90.00
_cell.angle_gamma   90.00
#
_symmetry.space_group_name_H-M   'P 1'
#
_entity_poly.entity_id   1
_entity_poly.type   'polypeptide(L)'
_entity_poly.pdbx_seq_one_letter_code
;GSMPAIMTMLADHAARQLLDFSQKLDINLLDNVVNCLYHGEGAQQRMAQEVLTHLKEHPDAWTRVDTILEFSQNMNTKYY
GLQILENVIKTRWKILPRNQCEGIKKYVVGLIIKTSSDPTCVEKEKVYIGKLNMILVQILKQEWPKHWPTFISDIVGASR
TSESLCQNNMVILKLLSEEVFDFSSGQITQVKSKHLKDSMCNEFSQIFQLCQFVMENSQNAPLVHATLETLLRFLNWIPL
GYIFETKLISTLIYKFLNVPMFRNVSLKCLTEIAGVSVSQYEEQFVTLFTLTMMQLKQMLPLNTNIRLAYSNGKDDEQNF
IQNLSLFLCTFLKEHDQLIEKRLNLRETLMEALHYMLLVSEVEETEIFKICLEYWNHLAAELYRESPFSTSASPLLSGSQ
HFDVPPRRQLYLPMLFKVRLLMVSRMAKPEEVLVVENDQGEVVREFMKDTDSINLYKNMRETLVYLTHLDYVDTERIMTE
KLHNQVNGTEWSWKNLNTLCWAIGSISGAMHEEDEKRFLVTVIKDLLGLCEQKRGKDNKAIIASNIMYIVGQYPRFLRAH
WKFLKTVVNKLFEFMHETHDGVQDMACDTFIKIAQKCRRHFVQVQVGEVMPFIDEILNNINTIICDLQPQQVHTFYEAVG
YMIGAQTDQTVQEHLIEKYMLLPNQVWDSIIQQATKNVDILKDPETVKQLGSILKTNVRACKAVGHPFVIQLGRIYLDML
NVYKCLSENISAAIQANGEMVTKQPLIRSMRTVKRETLKLISGWVSRSNDPQMVAENFVPPLLDAVLIDYQRNVPAAREP
EVLSTMAIIVNKLGGHITAEIPQIFDAVFECTLNMINKDFEEYPEHRTNFFLLLQAVNSHCFPAFLAIPPTQFKLVLDSI
IWAFKHTMRNVADTGLQILFTLLQNVAQEEAAAQSFYQTYFCDILQHIFSVVTDTSHTAGLTMHASILAYMFNLVEEGKI
STSLNPGNPVNNQIFLQEYVANLLKSAFPHLQDAQVKLFVTGLFSLNQDIPAFKEHLRDFLVQIKEFAGEDTSDLFLEER
EIALRQADEEKHKRQMSVPGIFNPHEIPEEMCD
;
_entity_poly.pdbx_strand_id   A
#
# COMPACT_ATOMS: atom_id res chain seq x y z
N ILE A 129 4.48 16.95 -43.82
CA ILE A 129 5.11 17.92 -42.87
C ILE A 129 4.45 17.76 -41.51
N GLY A 130 5.26 17.50 -40.49
CA GLY A 130 4.74 17.32 -39.14
C GLY A 130 4.27 18.61 -38.49
N LYS A 131 4.71 19.75 -38.99
CA LYS A 131 4.27 21.02 -38.42
C LYS A 131 2.77 21.19 -38.57
N LEU A 132 2.22 20.82 -39.74
CA LEU A 132 0.78 20.89 -39.94
C LEU A 132 0.04 19.96 -38.98
N ASN A 133 0.58 18.76 -38.77
CA ASN A 133 -0.05 17.83 -37.83
C ASN A 133 -0.05 18.39 -36.42
N MET A 134 1.07 18.98 -35.99
CA MET A 134 1.14 19.57 -34.67
C MET A 134 0.17 20.74 -34.54
N ILE A 135 0.05 21.55 -35.59
CA ILE A 135 -0.89 22.67 -35.57
C ILE A 135 -2.32 22.16 -35.44
N LEU A 136 -2.65 21.11 -36.17
CA LEU A 136 -3.99 20.53 -36.08
C LEU A 136 -4.24 19.97 -34.68
N VAL A 137 -3.24 19.31 -34.10
CA VAL A 137 -3.39 18.78 -32.74
C VAL A 137 -3.63 19.91 -31.75
N GLN A 138 -2.88 21.00 -31.89
CA GLN A 138 -3.08 22.15 -31.00
C GLN A 138 -4.48 22.73 -31.17
N ILE A 139 -4.95 22.85 -32.40
CA ILE A 139 -6.30 23.36 -32.63
C ILE A 139 -7.33 22.45 -31.98
N LEU A 140 -7.15 21.13 -32.11
CA LEU A 140 -8.06 20.19 -31.46
C LEU A 140 -8.02 20.36 -29.95
N LYS A 141 -6.84 20.60 -29.38
CA LYS A 141 -6.73 20.80 -27.94
C LYS A 141 -7.51 22.01 -27.46
N GLN A 142 -7.88 22.92 -28.36
CA GLN A 142 -8.60 24.14 -27.99
C GLN A 142 -10.10 23.85 -27.83
N GLU A 143 -10.40 22.93 -26.91
CA GLU A 143 -11.78 22.58 -26.56
C GLU A 143 -12.57 22.14 -27.78
N TRP A 144 -12.05 21.13 -28.47
CA TRP A 144 -12.79 20.53 -29.58
C TRP A 144 -14.15 19.99 -29.14
N PRO A 145 -14.28 19.27 -28.03
CA PRO A 145 -15.62 18.74 -27.66
C PRO A 145 -16.67 19.84 -27.55
N LYS A 146 -16.31 21.00 -27.01
CA LYS A 146 -17.26 22.10 -26.93
C LYS A 146 -17.50 22.74 -28.29
N HIS A 147 -16.50 22.68 -29.17
CA HIS A 147 -16.63 23.27 -30.51
C HIS A 147 -15.49 22.81 -31.40
N ILE A 152 -14.56 16.37 -36.55
CA ILE A 152 -15.02 15.41 -37.53
C ILE A 152 -15.48 16.15 -38.78
N SER A 153 -15.83 17.43 -38.61
CA SER A 153 -16.26 18.22 -39.76
C SER A 153 -15.19 18.27 -40.85
N ASP A 154 -13.91 18.25 -40.46
CA ASP A 154 -12.85 18.32 -41.46
C ASP A 154 -12.86 17.08 -42.37
N ILE A 155 -13.02 15.90 -41.78
CA ILE A 155 -12.99 14.68 -42.58
C ILE A 155 -14.23 14.52 -43.45
N VAL A 156 -15.27 15.31 -43.20
CA VAL A 156 -16.45 15.28 -44.07
C VAL A 156 -16.06 15.69 -45.48
N GLY A 157 -15.02 16.50 -45.63
CA GLY A 157 -14.54 16.93 -46.92
C GLY A 157 -13.55 15.98 -47.57
N ALA A 158 -13.31 14.82 -46.96
CA ALA A 158 -12.38 13.86 -47.53
C ALA A 158 -12.82 13.46 -48.93
N SER A 159 -11.85 13.41 -49.84
CA SER A 159 -12.14 13.08 -51.24
C SER A 159 -12.78 11.69 -51.34
N SER A 164 -4.19 11.88 -52.74
CA SER A 164 -3.77 10.85 -51.80
C SER A 164 -3.62 11.43 -50.40
N LEU A 165 -4.62 12.18 -49.96
CA LEU A 165 -4.64 12.76 -48.62
C LEU A 165 -5.42 11.91 -47.63
N CYS A 166 -5.95 10.77 -48.06
CA CYS A 166 -6.74 9.93 -47.16
C CYS A 166 -5.90 9.41 -46.00
N GLN A 167 -4.66 9.00 -46.28
CA GLN A 167 -3.78 8.56 -45.19
C GLN A 167 -3.45 9.71 -44.25
N ASN A 168 -3.32 10.93 -44.78
CA ASN A 168 -3.13 12.09 -43.91
C ASN A 168 -4.33 12.29 -43.00
N ASN A 169 -5.54 12.14 -43.55
CA ASN A 169 -6.74 12.25 -42.72
C ASN A 169 -6.77 11.16 -41.66
N MET A 170 -6.35 9.94 -42.02
CA MET A 170 -6.31 8.86 -41.05
C MET A 170 -5.32 9.16 -39.93
N VAL A 171 -4.15 9.70 -40.27
CA VAL A 171 -3.17 10.06 -39.25
C VAL A 171 -3.73 11.16 -38.35
N ILE A 172 -4.43 12.13 -38.94
CA ILE A 172 -5.04 13.20 -38.15
C ILE A 172 -6.07 12.63 -37.19
N LEU A 173 -6.88 11.68 -37.66
CA LEU A 173 -7.86 11.04 -36.79
C LEU A 173 -7.19 10.25 -35.67
N LYS A 174 -6.08 9.59 -35.98
CA LYS A 174 -5.32 8.89 -34.96
C LYS A 174 -4.83 9.86 -33.89
N LEU A 175 -4.26 10.98 -34.31
CA LEU A 175 -3.80 11.99 -33.35
C LEU A 175 -4.96 12.52 -32.52
N LEU A 176 -6.10 12.80 -33.16
CA LEU A 176 -7.27 13.26 -32.41
C LEU A 176 -7.71 12.22 -31.39
N SER A 177 -7.75 10.95 -31.78
CA SER A 177 -8.10 9.88 -30.87
C SER A 177 -7.17 9.87 -29.66
N GLU A 178 -5.88 10.09 -29.90
CA GLU A 178 -4.96 10.23 -28.77
C GLU A 178 -5.31 11.44 -27.91
N GLU A 179 -5.67 12.56 -28.54
CA GLU A 179 -6.02 13.75 -27.77
C GLU A 179 -7.24 13.51 -26.90
N VAL A 180 -8.27 12.89 -27.47
CA VAL A 180 -9.52 12.65 -26.75
C VAL A 180 -9.24 11.79 -25.52
N LYS A 197 -18.43 11.53 -21.42
CA LYS A 197 -19.07 10.47 -22.19
C LYS A 197 -20.02 11.04 -23.23
N ASP A 198 -20.22 10.31 -24.32
CA ASP A 198 -21.16 10.69 -25.38
C ASP A 198 -20.87 12.11 -25.87
N SER A 199 -19.62 12.29 -26.31
CA SER A 199 -19.18 13.56 -26.90
C SER A 199 -19.65 13.60 -28.36
N MET A 200 -20.98 13.66 -28.52
CA MET A 200 -21.61 13.59 -29.83
C MET A 200 -21.14 12.35 -30.57
N CYS A 201 -21.19 11.21 -29.87
CA CYS A 201 -20.67 9.97 -30.44
C CYS A 201 -21.37 9.60 -31.73
N ASN A 202 -22.62 10.06 -31.92
CA ASN A 202 -23.31 9.77 -33.16
C ASN A 202 -22.56 10.31 -34.36
N GLU A 203 -21.80 11.39 -34.17
CA GLU A 203 -21.01 11.96 -35.26
C GLU A 203 -19.87 11.04 -35.69
N PHE A 204 -19.49 10.08 -34.85
CA PHE A 204 -18.47 9.10 -35.26
C PHE A 204 -18.95 8.24 -36.42
N SER A 205 -20.25 8.23 -36.69
CA SER A 205 -20.75 7.51 -37.86
C SER A 205 -20.05 7.95 -39.14
N GLN A 206 -19.64 9.22 -39.20
CA GLN A 206 -18.89 9.68 -40.35
C GLN A 206 -17.56 8.94 -40.48
N ILE A 207 -16.87 8.74 -39.36
CA ILE A 207 -15.57 8.08 -39.41
C ILE A 207 -15.73 6.64 -39.88
N PHE A 208 -16.74 5.95 -39.35
CA PHE A 208 -16.95 4.54 -39.70
C PHE A 208 -17.25 4.39 -41.19
N GLN A 209 -18.07 5.29 -41.75
CA GLN A 209 -18.43 5.17 -43.16
C GLN A 209 -17.20 5.37 -44.05
N LEU A 210 -16.38 6.37 -43.76
CA LEU A 210 -15.15 6.55 -44.53
C LEU A 210 -14.23 5.35 -44.39
N CYS A 211 -14.09 4.82 -43.17
CA CYS A 211 -13.24 3.66 -42.97
C CYS A 211 -13.73 2.48 -43.79
N GLN A 212 -15.05 2.24 -43.77
CA GLN A 212 -15.61 1.13 -44.55
C GLN A 212 -15.37 1.32 -46.04
N PHE A 213 -15.64 2.52 -46.54
CA PHE A 213 -15.48 2.77 -47.98
C PHE A 213 -14.03 2.61 -48.41
N VAL A 214 -13.10 3.16 -47.63
CA VAL A 214 -11.68 3.03 -47.97
C VAL A 214 -11.25 1.56 -47.90
N MET A 215 -11.69 0.86 -46.86
CA MET A 215 -11.30 -0.54 -46.67
C MET A 215 -11.80 -1.41 -47.81
N GLU A 216 -13.04 -1.20 -48.26
CA GLU A 216 -13.63 -2.11 -49.23
C GLU A 216 -13.07 -1.92 -50.63
N ASN A 217 -12.71 -0.69 -51.01
CA ASN A 217 -12.40 -0.38 -52.39
C ASN A 217 -10.94 -0.03 -52.65
N SER A 218 -10.18 0.31 -51.60
CA SER A 218 -8.80 0.76 -51.78
C SER A 218 -7.84 -0.43 -51.84
N GLN A 219 -6.91 -0.36 -52.80
CA GLN A 219 -5.88 -1.38 -52.96
C GLN A 219 -4.53 -0.96 -52.38
N ASN A 220 -4.34 0.31 -52.07
CA ASN A 220 -3.08 0.79 -51.51
C ASN A 220 -2.90 0.20 -50.11
N ALA A 221 -1.95 -0.73 -49.97
CA ALA A 221 -1.76 -1.40 -48.68
C ALA A 221 -1.43 -0.45 -47.55
N PRO A 222 -0.52 0.53 -47.72
CA PRO A 222 -0.29 1.47 -46.61
C PRO A 222 -1.54 2.20 -46.18
N LEU A 223 -2.38 2.59 -47.14
CA LEU A 223 -3.62 3.28 -46.79
C LEU A 223 -4.54 2.38 -45.98
N VAL A 224 -4.67 1.12 -46.41
CA VAL A 224 -5.50 0.16 -45.68
C VAL A 224 -4.96 -0.02 -44.27
N HIS A 225 -3.64 -0.10 -44.13
CA HIS A 225 -3.02 -0.28 -42.82
C HIS A 225 -3.35 0.90 -41.90
N ALA A 226 -3.10 2.12 -42.38
CA ALA A 226 -3.37 3.30 -41.56
C ALA A 226 -4.84 3.37 -41.18
N THR A 227 -5.73 3.09 -42.13
CA THR A 227 -7.14 3.02 -41.80
C THR A 227 -7.42 1.96 -40.76
N LEU A 228 -6.66 0.86 -40.78
CA LEU A 228 -6.88 -0.19 -39.79
C LEU A 228 -6.55 0.30 -38.38
N GLU A 229 -5.43 1.01 -38.21
CA GLU A 229 -5.18 1.58 -36.88
C GLU A 229 -6.23 2.63 -36.51
N THR A 230 -6.60 3.49 -37.46
CA THR A 230 -7.59 4.52 -37.17
C THR A 230 -8.90 3.89 -36.70
N LEU A 231 -9.34 2.84 -37.37
CA LEU A 231 -10.53 2.11 -36.94
C LEU A 231 -10.30 1.45 -35.59
N LEU A 232 -9.12 0.88 -35.38
CA LEU A 232 -8.81 0.25 -34.11
C LEU A 232 -9.03 1.21 -32.95
N ARG A 233 -8.68 2.48 -33.13
CA ARG A 233 -8.82 3.43 -32.02
C ARG A 233 -10.28 3.72 -31.68
N PHE A 234 -11.16 3.78 -32.69
CA PHE A 234 -12.51 4.27 -32.47
C PHE A 234 -13.54 3.17 -32.24
N LEU A 235 -13.14 1.89 -32.19
CA LEU A 235 -14.12 0.83 -31.99
C LEU A 235 -14.82 0.94 -30.65
N ASN A 236 -14.22 1.61 -29.66
CA ASN A 236 -14.86 1.72 -28.36
C ASN A 236 -15.88 2.85 -28.29
N TRP A 237 -15.94 3.70 -29.32
CA TRP A 237 -16.86 4.83 -29.34
C TRP A 237 -17.91 4.75 -30.44
N ILE A 238 -17.62 4.06 -31.55
CA ILE A 238 -18.60 3.96 -32.63
C ILE A 238 -19.84 3.23 -32.12
N PRO A 239 -21.04 3.58 -32.56
CA PRO A 239 -22.22 2.84 -32.10
C PRO A 239 -22.09 1.35 -32.43
N LEU A 240 -22.57 0.52 -31.52
CA LEU A 240 -22.39 -0.92 -31.65
C LEU A 240 -23.12 -1.48 -32.87
N GLY A 241 -24.18 -0.80 -33.31
CA GLY A 241 -24.92 -1.29 -34.47
C GLY A 241 -24.05 -1.38 -35.71
N TYR A 242 -23.21 -0.37 -35.94
CA TYR A 242 -22.36 -0.37 -37.13
C TYR A 242 -21.41 -1.55 -37.13
N ILE A 243 -20.72 -1.78 -36.02
CA ILE A 243 -19.72 -2.84 -35.98
C ILE A 243 -20.38 -4.22 -36.01
N PHE A 244 -21.50 -4.38 -35.32
CA PHE A 244 -22.14 -5.68 -35.20
C PHE A 244 -23.15 -5.98 -36.31
N GLU A 245 -23.37 -5.05 -37.23
CA GLU A 245 -24.34 -5.28 -38.30
C GLU A 245 -23.77 -5.01 -39.69
N THR A 246 -22.88 -4.03 -39.84
CA THR A 246 -22.42 -3.63 -41.16
C THR A 246 -21.29 -4.54 -41.64
N LYS A 247 -21.51 -5.86 -41.59
CA LYS A 247 -20.60 -6.85 -42.17
C LYS A 247 -19.14 -6.56 -41.78
N LEU A 248 -18.93 -5.89 -40.66
CA LEU A 248 -17.58 -5.48 -40.29
C LEU A 248 -16.70 -6.68 -39.98
N ILE A 249 -17.17 -7.58 -39.13
CA ILE A 249 -16.33 -8.68 -38.66
C ILE A 249 -15.90 -9.55 -39.83
N SER A 250 -16.83 -9.89 -40.72
CA SER A 250 -16.52 -10.81 -41.81
C SER A 250 -15.44 -10.24 -42.74
N THR A 251 -15.56 -8.97 -43.10
CA THR A 251 -14.67 -8.43 -44.14
C THR A 251 -13.21 -8.47 -43.70
N LEU A 252 -12.91 -8.10 -42.45
CA LEU A 252 -11.53 -8.11 -42.02
C LEU A 252 -11.07 -9.47 -41.51
N ILE A 253 -11.99 -10.30 -41.00
CA ILE A 253 -11.57 -11.63 -40.59
C ILE A 253 -11.22 -12.47 -41.81
N TYR A 254 -11.82 -12.19 -42.96
CA TYR A 254 -11.49 -12.93 -44.18
C TYR A 254 -10.38 -12.24 -44.98
N LYS A 255 -10.61 -10.99 -45.39
CA LYS A 255 -9.69 -10.33 -46.31
C LYS A 255 -8.31 -10.11 -45.67
N PHE A 256 -8.28 -9.66 -44.43
CA PHE A 256 -7.04 -9.13 -43.84
C PHE A 256 -6.38 -10.07 -42.85
N LEU A 257 -7.15 -10.74 -41.98
CA LEU A 257 -6.54 -11.54 -40.93
C LEU A 257 -5.61 -12.61 -41.50
N ASN A 258 -5.85 -13.04 -42.73
CA ASN A 258 -4.97 -14.00 -43.37
C ASN A 258 -3.77 -13.34 -44.05
N VAL A 259 -3.89 -12.07 -44.42
CA VAL A 259 -2.77 -11.38 -45.07
C VAL A 259 -1.69 -11.09 -44.03
N PRO A 260 -0.44 -11.49 -44.26
CA PRO A 260 0.61 -11.20 -43.26
C PRO A 260 0.78 -9.73 -42.95
N MET A 261 0.60 -8.86 -43.95
CA MET A 261 0.86 -7.43 -43.73
C MET A 261 -0.10 -6.83 -42.71
N PHE A 262 -1.32 -7.34 -42.63
CA PHE A 262 -2.34 -6.79 -41.74
C PHE A 262 -2.74 -7.74 -40.62
N ARG A 263 -2.00 -8.84 -40.43
CA ARG A 263 -2.40 -9.84 -39.47
C ARG A 263 -2.45 -9.27 -38.06
N ASN A 264 -1.42 -8.52 -37.68
CA ASN A 264 -1.35 -7.98 -36.32
C ASN A 264 -2.45 -6.95 -36.09
N VAL A 265 -2.57 -5.97 -37.00
CA VAL A 265 -3.59 -4.94 -36.83
C VAL A 265 -4.99 -5.56 -36.88
N SER A 266 -5.21 -6.49 -37.80
CA SER A 266 -6.51 -7.13 -37.91
C SER A 266 -6.86 -7.87 -36.62
N LEU A 267 -5.91 -8.62 -36.07
CA LEU A 267 -6.17 -9.34 -34.83
C LEU A 267 -6.42 -8.36 -33.67
N LYS A 268 -5.71 -7.25 -33.65
CA LYS A 268 -5.94 -6.25 -32.61
C LYS A 268 -7.35 -5.68 -32.69
N CYS A 269 -7.82 -5.38 -33.91
CA CYS A 269 -9.17 -4.88 -34.06
C CYS A 269 -10.20 -5.90 -33.58
N LEU A 270 -10.00 -7.17 -33.92
CA LEU A 270 -10.89 -8.22 -33.42
C LEU A 270 -10.84 -8.31 -31.90
N THR A 271 -9.68 -8.04 -31.30
CA THR A 271 -9.59 -8.03 -29.86
C THR A 271 -10.47 -6.95 -29.25
N GLU A 272 -10.48 -5.76 -29.85
CA GLU A 272 -11.28 -4.67 -29.32
C GLU A 272 -12.77 -5.00 -29.38
N ILE A 273 -13.23 -5.58 -30.48
CA ILE A 273 -14.64 -5.93 -30.61
C ILE A 273 -15.04 -6.95 -29.55
N ALA A 274 -14.20 -7.96 -29.33
CA ALA A 274 -14.50 -8.97 -28.34
C ALA A 274 -14.63 -8.40 -26.94
N GLY A 275 -13.99 -7.26 -26.67
CA GLY A 275 -14.06 -6.65 -25.36
C GLY A 275 -15.36 -5.96 -25.03
N VAL A 276 -16.23 -5.76 -26.02
CA VAL A 276 -17.51 -5.10 -25.80
C VAL A 276 -18.48 -6.11 -25.22
N SER A 277 -19.05 -5.79 -24.06
CA SER A 277 -20.01 -6.66 -23.38
C SER A 277 -21.42 -6.14 -23.61
N VAL A 278 -22.25 -6.96 -24.25
CA VAL A 278 -23.63 -6.58 -24.57
C VAL A 278 -24.51 -7.81 -24.40
N SER A 279 -25.73 -7.60 -23.88
CA SER A 279 -26.66 -8.71 -23.73
C SER A 279 -27.05 -9.29 -25.08
N GLN A 280 -27.32 -8.43 -26.06
CA GLN A 280 -27.72 -8.88 -27.40
C GLN A 280 -26.48 -9.10 -28.26
N TYR A 281 -26.69 -9.30 -29.56
CA TYR A 281 -25.61 -9.59 -30.50
C TYR A 281 -24.87 -10.87 -30.14
N GLU A 282 -25.58 -11.80 -29.47
CA GLU A 282 -24.96 -13.06 -29.09
C GLU A 282 -24.52 -13.85 -30.31
N GLU A 283 -25.36 -13.90 -31.34
CA GLU A 283 -25.01 -14.66 -32.54
C GLU A 283 -23.77 -14.08 -33.21
N GLN A 284 -23.66 -12.75 -33.25
CA GLN A 284 -22.48 -12.13 -33.83
C GLN A 284 -21.22 -12.51 -33.06
N PHE A 285 -21.28 -12.49 -31.74
CA PHE A 285 -20.12 -12.88 -30.95
C PHE A 285 -19.76 -14.34 -31.19
N VAL A 286 -20.75 -15.23 -31.24
CA VAL A 286 -20.46 -16.63 -31.50
C VAL A 286 -19.81 -16.79 -32.86
N THR A 287 -20.30 -16.08 -33.87
CA THR A 287 -19.70 -16.16 -35.20
C THR A 287 -18.27 -15.65 -35.18
N LEU A 288 -18.01 -14.58 -34.41
CA LEU A 288 -16.67 -14.01 -34.35
C LEU A 288 -15.64 -15.03 -33.90
N PHE A 289 -15.90 -15.69 -32.77
CA PHE A 289 -14.91 -16.61 -32.20
C PHE A 289 -14.82 -17.90 -33.00
N THR A 290 -15.96 -18.47 -33.39
CA THR A 290 -15.92 -19.69 -34.18
C THR A 290 -15.21 -19.47 -35.50
N LEU A 291 -15.44 -18.31 -36.13
CA LEU A 291 -14.80 -18.03 -37.41
C LEU A 291 -13.32 -17.69 -37.22
N THR A 292 -12.95 -17.03 -36.13
CA THR A 292 -11.57 -16.62 -35.92
C THR A 292 -10.68 -17.83 -35.60
N MET A 293 -11.18 -18.75 -34.78
CA MET A 293 -10.38 -19.92 -34.42
C MET A 293 -10.04 -20.73 -35.66
N MET A 294 -11.02 -20.96 -36.54
CA MET A 294 -10.75 -21.72 -37.75
C MET A 294 -9.74 -20.99 -38.63
N GLN A 295 -9.86 -19.67 -38.73
CA GLN A 295 -8.95 -18.90 -39.58
C GLN A 295 -7.52 -18.97 -39.06
N LEU A 296 -7.33 -18.81 -37.74
CA LEU A 296 -5.98 -18.81 -37.19
C LEU A 296 -5.40 -20.22 -37.09
N LYS A 297 -6.23 -21.25 -37.04
CA LYS A 297 -5.71 -22.62 -37.04
C LYS A 297 -4.95 -22.91 -38.33
N GLN A 298 -5.38 -22.31 -39.45
CA GLN A 298 -4.73 -22.57 -40.72
C GLN A 298 -3.27 -22.10 -40.71
N MET A 299 -3.01 -20.94 -40.11
CA MET A 299 -1.67 -20.35 -40.14
C MET A 299 -0.81 -20.77 -38.97
N LEU A 300 -1.41 -21.07 -37.83
CA LEU A 300 -0.68 -21.44 -36.61
C LEU A 300 -1.27 -22.74 -36.07
N PRO A 301 -0.90 -23.87 -36.67
CA PRO A 301 -1.53 -25.14 -36.27
C PRO A 301 -1.23 -25.50 -34.83
N LEU A 302 -2.16 -26.25 -34.22
CA LEU A 302 -2.07 -26.54 -32.80
C LEU A 302 -0.80 -27.29 -32.44
N ASN A 303 -0.22 -28.03 -33.38
CA ASN A 303 0.97 -28.82 -33.08
C ASN A 303 2.24 -28.00 -33.05
N THR A 304 2.18 -26.72 -33.40
CA THR A 304 3.38 -25.88 -33.41
C THR A 304 3.89 -25.68 -31.99
N ASN A 305 5.21 -25.64 -31.85
CA ASN A 305 5.85 -25.38 -30.57
C ASN A 305 5.98 -23.87 -30.41
N ILE A 306 4.98 -23.26 -29.78
CA ILE A 306 4.94 -21.80 -29.67
C ILE A 306 6.12 -21.29 -28.86
N ARG A 307 6.57 -22.07 -27.86
CA ARG A 307 7.71 -21.64 -27.06
C ARG A 307 8.93 -21.37 -27.95
N LEU A 308 9.30 -22.35 -28.78
CA LEU A 308 10.48 -22.17 -29.63
C LEU A 308 10.23 -21.09 -30.68
N ALA A 309 9.03 -21.03 -31.24
CA ALA A 309 8.73 -20.03 -32.25
C ALA A 309 8.90 -18.63 -31.69
N TYR A 310 8.39 -18.38 -30.49
CA TYR A 310 8.59 -17.08 -29.87
C TYR A 310 10.05 -16.85 -29.52
N SER A 311 10.74 -17.89 -29.05
CA SER A 311 12.14 -17.71 -28.65
C SER A 311 13.00 -17.29 -29.84
N ASN A 312 12.82 -17.92 -30.99
CA ASN A 312 13.62 -17.64 -32.17
C ASN A 312 12.89 -16.80 -33.21
N GLY A 313 11.60 -16.57 -33.04
CA GLY A 313 10.85 -15.82 -34.03
C GLY A 313 11.20 -14.35 -34.06
N LYS A 314 10.93 -13.73 -35.20
CA LYS A 314 11.18 -12.30 -35.37
C LYS A 314 10.17 -11.50 -34.55
N ASP A 315 10.26 -10.17 -34.68
CA ASP A 315 9.34 -9.30 -33.95
C ASP A 315 7.89 -9.54 -34.39
N ASP A 316 7.67 -9.75 -35.68
CA ASP A 316 6.31 -9.96 -36.17
C ASP A 316 5.68 -11.19 -35.52
N GLU A 317 6.41 -12.30 -35.48
CA GLU A 317 5.86 -13.52 -34.89
C GLU A 317 5.56 -13.34 -33.41
N GLN A 318 6.47 -12.70 -32.68
CA GLN A 318 6.22 -12.44 -31.26
C GLN A 318 5.00 -11.55 -31.08
N ASN A 319 4.86 -10.52 -31.92
CA ASN A 319 3.68 -9.67 -31.86
C ASN A 319 2.42 -10.46 -32.14
N PHE A 320 2.48 -11.37 -33.12
CA PHE A 320 1.31 -12.20 -33.41
C PHE A 320 0.95 -13.09 -32.23
N ILE A 321 1.95 -13.69 -31.57
CA ILE A 321 1.68 -14.52 -30.42
C ILE A 321 1.02 -13.69 -29.32
N GLN A 322 1.55 -12.49 -29.06
CA GLN A 322 0.98 -11.65 -28.03
C GLN A 322 -0.45 -11.27 -28.37
N ASN A 323 -0.71 -10.90 -29.63
CA ASN A 323 -2.05 -10.52 -30.03
C ASN A 323 -3.03 -11.68 -29.92
N LEU A 324 -2.59 -12.88 -30.31
CA LEU A 324 -3.46 -14.05 -30.19
C LEU A 324 -3.78 -14.34 -28.73
N SER A 325 -2.78 -14.26 -27.86
CA SER A 325 -3.03 -14.47 -26.44
C SER A 325 -4.02 -13.45 -25.90
N LEU A 326 -3.83 -12.17 -26.27
CA LEU A 326 -4.75 -11.14 -25.80
C LEU A 326 -6.16 -11.38 -26.31
N PHE A 327 -6.29 -11.75 -27.59
CA PHE A 327 -7.61 -11.97 -28.16
C PHE A 327 -8.33 -13.10 -27.44
N LEU A 328 -7.66 -14.25 -27.30
CA LEU A 328 -8.30 -15.38 -26.62
C LEU A 328 -8.65 -15.02 -25.19
N CYS A 329 -7.71 -14.40 -24.47
CA CYS A 329 -7.94 -14.06 -23.07
C CYS A 329 -9.16 -13.14 -22.93
N THR A 330 -9.18 -12.05 -23.72
CA THR A 330 -10.28 -11.09 -23.60
C THR A 330 -11.61 -11.74 -23.96
N PHE A 331 -11.66 -12.44 -25.09
CA PHE A 331 -12.93 -13.01 -25.51
C PHE A 331 -13.45 -14.01 -24.48
N LEU A 332 -12.58 -14.90 -24.00
CA LEU A 332 -13.03 -15.89 -23.02
C LEU A 332 -13.45 -15.22 -21.72
N LYS A 333 -12.71 -14.19 -21.27
CA LYS A 333 -13.11 -13.49 -20.07
C LYS A 333 -14.47 -12.83 -20.25
N GLU A 334 -14.78 -12.39 -21.47
CA GLU A 334 -16.04 -11.69 -21.72
C GLU A 334 -17.17 -12.65 -22.11
N HIS A 335 -16.91 -13.59 -23.02
CA HIS A 335 -17.98 -14.35 -23.67
C HIS A 335 -17.74 -15.85 -23.63
N ASP A 336 -16.99 -16.36 -22.65
CA ASP A 336 -16.76 -17.79 -22.59
C ASP A 336 -18.06 -18.55 -22.34
N GLN A 337 -18.92 -18.03 -21.46
CA GLN A 337 -20.13 -18.76 -21.10
C GLN A 337 -21.05 -18.95 -22.30
N LEU A 338 -21.03 -18.02 -23.26
CA LEU A 338 -21.86 -18.17 -24.45
C LEU A 338 -21.44 -19.41 -25.25
N ILE A 339 -20.13 -19.63 -25.39
CA ILE A 339 -19.65 -20.77 -26.16
C ILE A 339 -19.96 -22.07 -25.44
N GLU A 340 -19.83 -22.07 -24.10
CA GLU A 340 -20.04 -23.30 -23.35
C GLU A 340 -21.43 -23.87 -23.55
N LYS A 341 -22.43 -23.01 -23.77
CA LYS A 341 -23.79 -23.49 -23.94
C LYS A 341 -24.01 -24.14 -25.31
N ARG A 342 -23.15 -23.88 -26.28
CA ARG A 342 -23.26 -24.47 -27.61
C ARG A 342 -22.59 -25.83 -27.60
N LEU A 343 -23.39 -26.89 -27.71
CA LEU A 343 -22.84 -28.24 -27.64
C LEU A 343 -21.88 -28.52 -28.79
N ASN A 344 -22.20 -28.03 -29.99
CA ASN A 344 -21.38 -28.30 -31.16
C ASN A 344 -20.04 -27.58 -31.14
N LEU A 345 -19.86 -26.60 -30.26
CA LEU A 345 -18.63 -25.82 -30.20
C LEU A 345 -17.66 -26.33 -29.15
N ARG A 346 -17.89 -27.53 -28.62
CA ARG A 346 -17.01 -28.05 -27.57
C ARG A 346 -15.58 -28.15 -28.07
N GLU A 347 -15.39 -28.71 -29.27
CA GLU A 347 -14.04 -28.91 -29.79
C GLU A 347 -13.33 -27.57 -30.00
N THR A 348 -14.05 -26.55 -30.45
CA THR A 348 -13.42 -25.24 -30.64
C THR A 348 -12.97 -24.66 -29.31
N LEU A 349 -13.78 -24.80 -28.27
CA LEU A 349 -13.39 -24.33 -26.95
C LEU A 349 -12.17 -25.10 -26.44
N MET A 350 -12.15 -26.42 -26.69
CA MET A 350 -11.01 -27.23 -26.28
C MET A 350 -9.75 -26.77 -27.00
N GLU A 351 -9.88 -26.42 -28.29
CA GLU A 351 -8.74 -25.92 -29.05
C GLU A 351 -8.27 -24.58 -28.53
N ALA A 352 -9.20 -23.70 -28.14
CA ALA A 352 -8.80 -22.42 -27.56
C ALA A 352 -8.05 -22.63 -26.26
N LEU A 353 -8.52 -23.53 -25.41
CA LEU A 353 -7.82 -23.82 -24.17
C LEU A 353 -6.44 -24.41 -24.46
N HIS A 354 -6.34 -25.27 -25.47
CA HIS A 354 -5.04 -25.81 -25.85
C HIS A 354 -4.09 -24.70 -26.28
N TYR A 355 -4.60 -23.74 -27.08
N TYR A 355 -4.60 -23.74 -27.08
CA TYR A 355 -3.77 -22.61 -27.48
C TYR A 355 -3.30 -21.81 -26.26
N MET A 356 -4.20 -21.57 -25.31
CA MET A 356 -3.80 -20.86 -24.11
C MET A 356 -2.71 -21.61 -23.36
N LEU A 357 -2.83 -22.94 -23.28
CA LEU A 357 -1.81 -23.73 -22.58
C LEU A 357 -0.45 -23.59 -23.28
N LEU A 358 -0.43 -23.73 -24.60
CA LEU A 358 0.83 -23.69 -25.33
C LEU A 358 1.52 -22.34 -25.18
N VAL A 359 0.76 -21.25 -25.27
CA VAL A 359 1.33 -19.92 -25.17
C VAL A 359 1.92 -19.70 -23.78
N SER A 360 1.31 -20.31 -22.76
CA SER A 360 1.78 -20.10 -21.40
C SER A 360 3.24 -20.51 -21.23
N GLU A 361 3.72 -21.42 -22.08
CA GLU A 361 5.10 -21.87 -21.99
C GLU A 361 6.11 -20.81 -22.43
N VAL A 362 5.65 -19.70 -23.01
CA VAL A 362 6.58 -18.67 -23.46
C VAL A 362 7.29 -18.08 -22.24
N GLU A 363 8.61 -17.92 -22.35
CA GLU A 363 9.38 -17.43 -21.22
C GLU A 363 9.16 -15.94 -20.96
N GLU A 364 8.87 -15.17 -22.01
CA GLU A 364 8.73 -13.73 -21.85
C GLU A 364 7.64 -13.41 -20.82
N THR A 365 7.92 -12.44 -19.96
CA THR A 365 7.07 -12.21 -18.80
C THR A 365 5.69 -11.68 -19.18
N GLU A 366 5.62 -10.78 -20.18
CA GLU A 366 4.35 -10.17 -20.52
C GLU A 366 3.35 -11.20 -21.04
N ILE A 367 3.80 -12.12 -21.89
CA ILE A 367 2.91 -13.15 -22.42
C ILE A 367 2.38 -14.01 -21.28
N PHE A 368 3.25 -14.39 -20.35
CA PHE A 368 2.81 -15.20 -19.23
C PHE A 368 1.83 -14.44 -18.35
N LYS A 369 2.03 -13.13 -18.20
CA LYS A 369 1.07 -12.33 -17.45
C LYS A 369 -0.29 -12.33 -18.12
N ILE A 370 -0.30 -12.19 -19.45
CA ILE A 370 -1.57 -12.20 -20.18
C ILE A 370 -2.28 -13.53 -19.99
N CYS A 371 -1.54 -14.64 -20.08
CA CYS A 371 -2.15 -15.94 -19.89
C CYS A 371 -2.60 -16.15 -18.45
N LEU A 372 -1.83 -15.64 -17.49
CA LEU A 372 -2.16 -15.80 -16.09
C LEU A 372 -3.43 -15.04 -15.73
N GLU A 373 -3.68 -13.90 -16.38
CA GLU A 373 -4.95 -13.21 -16.17
C GLU A 373 -6.12 -14.14 -16.45
N TYR A 374 -6.11 -14.78 -17.62
CA TYR A 374 -7.19 -15.68 -17.98
C TYR A 374 -7.26 -16.88 -17.04
N TRP A 375 -6.11 -17.44 -16.67
CA TRP A 375 -6.12 -18.59 -15.78
C TRP A 375 -6.71 -18.23 -14.42
N ASN A 376 -6.35 -17.06 -13.89
CA ASN A 376 -6.93 -16.61 -12.63
C ASN A 376 -8.42 -16.41 -12.77
N HIS A 377 -8.87 -15.80 -13.88
CA HIS A 377 -10.29 -15.60 -14.07
C HIS A 377 -11.04 -16.93 -14.09
N LEU A 378 -10.53 -17.91 -14.84
CA LEU A 378 -11.19 -19.20 -14.93
C LEU A 378 -11.22 -19.89 -13.58
N ALA A 379 -10.10 -19.89 -12.85
CA ALA A 379 -10.05 -20.54 -11.56
C ALA A 379 -11.04 -19.89 -10.59
N ALA A 380 -11.10 -18.56 -10.59
CA ALA A 380 -12.04 -17.88 -9.71
C ALA A 380 -13.48 -18.23 -10.07
N GLU A 381 -13.80 -18.24 -11.37
CA GLU A 381 -15.17 -18.52 -11.78
C GLU A 381 -15.58 -19.93 -11.38
N LEU A 382 -14.72 -20.92 -11.63
CA LEU A 382 -15.07 -22.29 -11.27
C LEU A 382 -15.24 -22.44 -9.77
N TYR A 383 -14.33 -21.85 -8.98
CA TYR A 383 -14.41 -22.02 -7.54
C TYR A 383 -15.69 -21.42 -6.98
N ARG A 384 -16.04 -20.22 -7.43
CA ARG A 384 -17.24 -19.55 -6.91
C ARG A 384 -18.52 -20.31 -7.25
N GLU A 385 -18.50 -21.13 -8.30
CA GLU A 385 -19.68 -21.91 -8.65
C GLU A 385 -20.08 -22.85 -7.52
N SER A 386 -19.10 -23.55 -6.95
CA SER A 386 -19.35 -24.47 -5.84
C SER A 386 -18.06 -24.70 -5.07
N PRO A 387 -17.81 -23.93 -3.99
CA PRO A 387 -16.58 -24.11 -3.21
C PRO A 387 -16.36 -25.55 -2.74
N ASP A 403 -22.46 -34.30 -6.97
CA ASP A 403 -21.88 -34.53 -8.29
C ASP A 403 -21.14 -33.29 -8.78
N VAL A 404 -20.36 -33.45 -9.84
CA VAL A 404 -19.58 -32.34 -10.38
C VAL A 404 -20.53 -31.28 -10.93
N PRO A 405 -20.29 -30.00 -10.71
CA PRO A 405 -21.15 -28.97 -11.30
C PRO A 405 -20.98 -28.92 -12.81
N PRO A 406 -21.89 -28.25 -13.52
CA PRO A 406 -21.85 -28.30 -15.00
C PRO A 406 -20.57 -27.74 -15.61
N ARG A 407 -20.24 -26.50 -15.28
CA ARG A 407 -19.09 -25.85 -15.91
C ARG A 407 -17.80 -26.58 -15.57
N ARG A 408 -17.63 -26.99 -14.31
CA ARG A 408 -16.40 -27.67 -13.91
C ARG A 408 -16.20 -28.96 -14.70
N GLN A 409 -17.27 -29.73 -14.88
CA GLN A 409 -17.15 -30.98 -15.62
C GLN A 409 -16.61 -30.75 -17.03
N LEU A 410 -16.87 -29.57 -17.60
CA LEU A 410 -16.38 -29.27 -18.94
C LEU A 410 -14.88 -28.98 -18.97
N TYR A 411 -14.32 -28.48 -17.87
CA TYR A 411 -12.93 -28.04 -17.83
C TYR A 411 -12.00 -29.01 -17.11
N LEU A 412 -12.53 -30.12 -16.56
CA LEU A 412 -11.69 -31.04 -15.79
C LEU A 412 -10.46 -31.53 -16.54
N PRO A 413 -10.54 -31.95 -17.81
CA PRO A 413 -9.33 -32.46 -18.48
C PRO A 413 -8.20 -31.44 -18.54
N MET A 414 -8.52 -30.16 -18.63
CA MET A 414 -7.52 -29.11 -18.75
C MET A 414 -7.04 -28.58 -17.41
N LEU A 415 -7.81 -28.77 -16.34
CA LEU A 415 -7.43 -28.20 -15.06
C LEU A 415 -6.12 -28.78 -14.57
N PHE A 416 -5.93 -30.10 -14.71
N PHE A 416 -5.96 -30.11 -14.71
CA PHE A 416 -4.72 -30.71 -14.17
CA PHE A 416 -4.74 -30.77 -14.25
C PHE A 416 -3.48 -30.18 -14.90
C PHE A 416 -3.51 -30.16 -14.90
N LYS A 417 -3.58 -29.96 -16.21
N LYS A 417 -3.57 -29.97 -16.22
CA LYS A 417 -2.43 -29.39 -16.93
C LYS A 417 -2.14 -27.97 -16.46
N VAL A 418 -3.20 -27.18 -16.23
CA VAL A 418 -3.00 -25.82 -15.73
C VAL A 418 -2.35 -25.84 -14.36
N ARG A 419 -2.80 -26.74 -13.49
CA ARG A 419 -2.21 -26.85 -12.16
C ARG A 419 -0.74 -27.23 -12.25
N LEU A 420 -0.42 -28.23 -13.07
CA LEU A 420 0.96 -28.66 -13.21
C LEU A 420 1.83 -27.53 -13.75
N LEU A 421 1.34 -26.78 -14.73
CA LEU A 421 2.08 -25.64 -15.24
C LEU A 421 2.28 -24.59 -14.16
N MET A 422 1.24 -24.32 -13.36
CA MET A 422 1.33 -23.28 -12.35
C MET A 422 2.36 -23.64 -11.29
N VAL A 423 2.39 -24.90 -10.85
CA VAL A 423 3.37 -25.31 -9.86
C VAL A 423 4.79 -25.14 -10.41
N SER A 424 4.97 -25.43 -11.70
CA SER A 424 6.31 -25.41 -12.28
C SER A 424 6.88 -23.99 -12.33
N ARG A 425 6.06 -23.00 -12.68
CA ARG A 425 6.54 -21.66 -12.98
C ARG A 425 6.22 -20.66 -11.87
N MET A 426 6.16 -21.11 -10.62
CA MET A 426 5.81 -20.23 -9.53
C MET A 426 6.86 -19.13 -9.37
N ALA A 427 6.39 -17.92 -9.06
CA ALA A 427 7.25 -16.77 -8.90
C ALA A 427 7.82 -16.71 -7.48
N LYS A 428 8.88 -15.92 -7.32
CA LYS A 428 9.56 -15.83 -6.03
C LYS A 428 8.70 -15.04 -5.04
N PRO A 429 8.45 -15.58 -3.84
CA PRO A 429 7.77 -14.79 -2.81
C PRO A 429 8.69 -13.70 -2.26
N GLU A 430 8.08 -12.77 -1.51
CA GLU A 430 8.84 -11.70 -0.90
C GLU A 430 9.67 -12.19 0.29
N GLU A 431 9.20 -13.24 0.96
CA GLU A 431 9.88 -13.73 2.16
C GLU A 431 11.20 -14.43 1.86
N VAL A 432 11.50 -14.71 0.60
CA VAL A 432 12.75 -15.38 0.23
C VAL A 432 13.78 -14.29 -0.06
N LEU A 433 14.88 -14.29 0.70
CA LEU A 433 15.90 -13.27 0.59
C LEU A 433 17.14 -13.72 -0.15
N VAL A 434 17.26 -15.00 -0.49
CA VAL A 434 18.41 -15.52 -1.23
C VAL A 434 17.89 -16.10 -2.54
N VAL A 435 18.49 -15.67 -3.65
CA VAL A 435 18.06 -16.08 -4.97
C VAL A 435 19.28 -16.43 -5.81
N GLU A 436 19.10 -17.34 -6.76
CA GLU A 436 20.18 -17.74 -7.65
C GLU A 436 20.43 -16.64 -8.67
N ASN A 437 21.69 -16.25 -8.81
CA ASN A 437 22.09 -15.26 -9.80
C ASN A 437 22.36 -15.94 -11.13
N ASP A 438 22.06 -15.23 -12.22
CA ASP A 438 22.13 -15.85 -13.54
C ASP A 438 23.55 -16.25 -13.94
N GLN A 439 24.57 -15.74 -13.25
CA GLN A 439 25.93 -16.18 -13.54
C GLN A 439 26.15 -17.65 -13.15
N GLY A 440 25.27 -18.21 -12.34
CA GLY A 440 25.44 -19.55 -11.82
C GLY A 440 25.85 -19.63 -10.35
N GLU A 441 25.62 -18.57 -9.58
CA GLU A 441 25.98 -18.53 -8.17
C GLU A 441 24.82 -17.97 -7.37
N VAL A 442 24.78 -18.34 -6.10
CA VAL A 442 23.70 -17.96 -5.20
C VAL A 442 24.15 -16.74 -4.39
N VAL A 443 23.37 -15.65 -4.48
CA VAL A 443 23.66 -14.41 -3.79
C VAL A 443 22.38 -13.89 -3.16
N ARG A 444 22.53 -12.98 -2.21
CA ARG A 444 21.37 -12.41 -1.54
C ARG A 444 20.61 -11.49 -2.49
N GLU A 445 19.32 -11.34 -2.22
CA GLU A 445 18.46 -10.48 -3.04
C GLU A 445 18.84 -9.02 -2.81
N PHE A 446 19.22 -8.34 -3.89
CA PHE A 446 19.52 -6.91 -3.85
C PHE A 446 18.71 -6.10 -4.86
N MET A 447 17.80 -6.72 -5.60
CA MET A 447 16.97 -6.03 -6.57
C MET A 447 15.54 -6.49 -6.42
N LYS A 448 14.60 -5.56 -6.54
CA LYS A 448 13.19 -5.86 -6.42
C LYS A 448 12.40 -4.95 -7.34
N ASP A 449 11.24 -5.43 -7.77
CA ASP A 449 10.37 -4.69 -8.68
C ASP A 449 8.93 -4.83 -8.20
N THR A 450 8.17 -3.74 -8.33
CA THR A 450 6.77 -3.77 -7.94
C THR A 450 5.98 -4.80 -8.74
N ASP A 451 6.42 -5.08 -9.96
CA ASP A 451 5.72 -6.08 -10.79
C ASP A 451 5.82 -7.46 -10.17
N SER A 452 6.94 -7.78 -9.51
CA SER A 452 7.12 -9.11 -8.95
C SER A 452 6.06 -9.41 -7.88
N ILE A 453 5.76 -8.42 -7.04
CA ILE A 453 4.76 -8.64 -5.99
C ILE A 453 3.40 -8.93 -6.61
N ASN A 454 3.01 -8.16 -7.63
CA ASN A 454 1.72 -8.40 -8.27
C ASN A 454 1.69 -9.77 -8.94
N LEU A 455 2.79 -10.15 -9.60
CA LEU A 455 2.84 -11.47 -10.23
C LEU A 455 2.68 -12.57 -9.18
N TYR A 456 3.38 -12.44 -8.05
CA TYR A 456 3.26 -13.45 -7.01
C TYR A 456 1.85 -13.50 -6.45
N LYS A 457 1.23 -12.34 -6.25
CA LYS A 457 -0.14 -12.32 -5.73
C LYS A 457 -1.09 -13.04 -6.68
N ASN A 458 -1.00 -12.75 -7.98
CA ASN A 458 -1.87 -13.40 -8.93
C ASN A 458 -1.63 -14.91 -8.98
N MET A 459 -0.36 -15.32 -8.99
CA MET A 459 -0.06 -16.75 -9.05
C MET A 459 -0.55 -17.46 -7.80
N ARG A 460 -0.35 -16.85 -6.63
CA ARG A 460 -0.83 -17.46 -5.39
C ARG A 460 -2.35 -17.59 -5.40
N GLU A 461 -3.05 -16.55 -5.86
CA GLU A 461 -4.52 -16.62 -5.90
C GLU A 461 -4.97 -17.75 -6.82
N THR A 462 -4.38 -17.83 -8.02
CA THR A 462 -4.78 -18.88 -8.95
C THR A 462 -4.48 -20.26 -8.39
N LEU A 463 -3.30 -20.43 -7.79
CA LEU A 463 -2.93 -21.74 -7.25
C LEU A 463 -3.83 -22.13 -6.09
N VAL A 464 -4.21 -21.16 -5.25
CA VAL A 464 -5.11 -21.46 -4.14
C VAL A 464 -6.47 -21.88 -4.67
N TYR A 465 -6.98 -21.19 -5.68
CA TYR A 465 -8.26 -21.59 -6.26
C TYR A 465 -8.18 -23.01 -6.83
N LEU A 466 -7.11 -23.30 -7.57
CA LEU A 466 -6.97 -24.63 -8.15
C LEU A 466 -6.85 -25.70 -7.07
N THR A 467 -6.14 -25.40 -5.99
CA THR A 467 -6.04 -26.34 -4.88
C THR A 467 -7.41 -26.58 -4.26
N HIS A 468 -8.20 -25.53 -4.08
CA HIS A 468 -9.55 -25.71 -3.55
C HIS A 468 -10.39 -26.56 -4.47
N LEU A 469 -10.17 -26.46 -5.78
CA LEU A 469 -10.93 -27.31 -6.70
C LEU A 469 -10.60 -28.78 -6.53
N ASP A 470 -9.36 -29.12 -6.21
CA ASP A 470 -8.96 -30.52 -6.04
C ASP A 470 -7.74 -30.59 -5.14
N TYR A 471 -7.92 -31.10 -3.92
CA TYR A 471 -6.81 -31.24 -3.00
C TYR A 471 -5.91 -32.41 -3.40
N VAL A 472 -6.51 -33.54 -3.78
CA VAL A 472 -5.74 -34.76 -4.00
C VAL A 472 -4.76 -34.57 -5.13
N ASP A 473 -5.19 -33.96 -6.24
CA ASP A 473 -4.30 -33.79 -7.37
C ASP A 473 -3.11 -32.89 -7.02
N THR A 474 -3.38 -31.79 -6.31
CA THR A 474 -2.29 -30.89 -5.92
C THR A 474 -1.30 -31.60 -5.01
N GLU A 475 -1.81 -32.32 -4.02
CA GLU A 475 -0.92 -33.04 -3.10
C GLU A 475 -0.10 -34.07 -3.86
N ARG A 476 -0.73 -34.81 -4.77
CA ARG A 476 0.00 -35.82 -5.54
C ARG A 476 1.09 -35.19 -6.39
N ILE A 477 0.77 -34.08 -7.07
CA ILE A 477 1.75 -33.44 -7.93
C ILE A 477 2.95 -32.97 -7.11
N MET A 478 2.69 -32.27 -6.00
CA MET A 478 3.79 -31.76 -5.19
C MET A 478 4.60 -32.89 -4.59
N THR A 479 3.95 -33.94 -4.09
CA THR A 479 4.68 -35.06 -3.52
C THR A 479 5.56 -35.74 -4.57
N GLU A 480 5.02 -35.94 -5.77
CA GLU A 480 5.81 -36.58 -6.83
C GLU A 480 7.02 -35.73 -7.21
N LYS A 481 6.82 -34.41 -7.35
CA LYS A 481 7.94 -33.55 -7.69
C LYS A 481 8.99 -33.56 -6.60
N LEU A 482 8.57 -33.50 -5.34
CA LEU A 482 9.53 -33.51 -4.23
C LEU A 482 10.29 -34.84 -4.19
N HIS A 483 9.59 -35.95 -4.41
CA HIS A 483 10.26 -37.24 -4.41
C HIS A 483 11.28 -37.33 -5.54
N ASN A 484 10.94 -36.80 -6.72
CA ASN A 484 11.90 -36.78 -7.81
C ASN A 484 13.11 -35.93 -7.43
N GLN A 485 12.88 -34.80 -6.76
CA GLN A 485 14.00 -33.98 -6.30
C GLN A 485 14.89 -34.76 -5.33
N VAL A 486 14.29 -35.50 -4.41
CA VAL A 486 15.07 -36.19 -3.39
C VAL A 486 16.01 -37.22 -4.02
N ASN A 487 15.52 -37.98 -4.99
CA ASN A 487 16.30 -39.05 -5.58
C ASN A 487 17.25 -38.57 -6.66
N GLY A 488 17.24 -37.29 -6.99
CA GLY A 488 18.18 -36.75 -7.96
C GLY A 488 17.81 -36.98 -9.41
N THR A 489 16.61 -37.48 -9.68
CA THR A 489 16.21 -37.74 -11.06
C THR A 489 16.21 -36.45 -11.87
N GLU A 490 15.67 -35.37 -11.30
CA GLU A 490 15.62 -34.06 -11.95
C GLU A 490 16.05 -32.98 -10.97
N TRP A 491 17.16 -33.23 -10.27
CA TRP A 491 17.66 -32.27 -9.29
C TRP A 491 18.17 -31.01 -9.98
N SER A 492 17.72 -29.86 -9.51
CA SER A 492 18.17 -28.57 -10.01
C SER A 492 17.64 -27.49 -9.08
N TRP A 493 18.41 -26.40 -8.96
CA TRP A 493 18.04 -25.34 -8.03
C TRP A 493 16.71 -24.70 -8.42
N LYS A 494 16.50 -24.45 -9.72
CA LYS A 494 15.27 -23.80 -10.15
C LYS A 494 14.05 -24.66 -9.84
N ASN A 495 14.13 -25.96 -10.12
CA ASN A 495 12.98 -26.84 -9.88
C ASN A 495 12.65 -26.90 -8.39
N LEU A 496 13.66 -27.07 -7.56
CA LEU A 496 13.43 -27.12 -6.12
C LEU A 496 12.85 -25.81 -5.62
N ASN A 497 13.39 -24.68 -6.09
CA ASN A 497 12.89 -23.38 -5.66
C ASN A 497 11.42 -23.22 -6.03
N THR A 498 11.06 -23.51 -7.27
CA THR A 498 9.68 -23.34 -7.70
C THR A 498 8.75 -24.28 -6.92
N LEU A 499 9.16 -25.54 -6.74
CA LEU A 499 8.31 -26.49 -6.03
C LEU A 499 8.09 -26.04 -4.59
N CYS A 500 9.15 -25.59 -3.92
CA CYS A 500 9.02 -25.20 -2.52
C CYS A 500 8.22 -23.91 -2.37
N TRP A 501 8.38 -22.97 -3.31
CA TRP A 501 7.55 -21.77 -3.26
C TRP A 501 6.09 -22.14 -3.45
N ALA A 502 5.80 -23.05 -4.37
CA ALA A 502 4.41 -23.49 -4.56
C ALA A 502 3.87 -24.16 -3.31
N ILE A 503 4.68 -25.01 -2.67
CA ILE A 503 4.23 -25.69 -1.45
C ILE A 503 3.93 -24.68 -0.36
N GLY A 504 4.80 -23.68 -0.19
CA GLY A 504 4.59 -22.68 0.85
C GLY A 504 3.50 -21.68 0.54
N SER A 505 3.10 -21.55 -0.73
CA SER A 505 2.11 -20.55 -1.13
C SER A 505 0.67 -21.04 -1.03
N ILE A 506 0.43 -22.27 -0.59
CA ILE A 506 -0.92 -22.78 -0.42
C ILE A 506 -1.14 -23.11 1.04
N SER A 507 -0.51 -22.34 1.93
CA SER A 507 -0.41 -22.69 3.34
C SER A 507 -1.75 -22.69 4.06
N GLY A 508 -2.86 -22.36 3.41
CA GLY A 508 -4.15 -22.36 4.08
C GLY A 508 -5.25 -23.04 3.29
N ALA A 509 -4.94 -23.44 2.05
CA ALA A 509 -5.98 -24.02 1.20
C ALA A 509 -6.41 -25.39 1.70
N MET A 510 -5.45 -26.25 2.01
CA MET A 510 -5.77 -27.63 2.36
C MET A 510 -6.34 -27.71 3.78
N HIS A 511 -7.11 -28.76 4.03
CA HIS A 511 -7.63 -29.01 5.36
C HIS A 511 -6.51 -29.44 6.29
N GLU A 512 -6.76 -29.29 7.60
CA GLU A 512 -5.73 -29.58 8.58
C GLU A 512 -5.32 -31.05 8.54
N GLU A 513 -6.30 -31.96 8.40
CA GLU A 513 -5.99 -33.38 8.44
C GLU A 513 -5.05 -33.78 7.31
N ASP A 514 -5.33 -33.31 6.10
CA ASP A 514 -4.46 -33.63 4.96
C ASP A 514 -3.15 -32.84 5.03
N GLU A 515 -3.21 -31.61 5.54
CA GLU A 515 -2.01 -30.83 5.74
C GLU A 515 -1.03 -31.56 6.66
N LYS A 516 -1.54 -32.28 7.64
CA LYS A 516 -0.67 -33.04 8.53
C LYS A 516 0.20 -34.00 7.75
N ARG A 517 -0.41 -34.86 6.93
CA ARG A 517 0.35 -35.83 6.16
C ARG A 517 1.29 -35.14 5.17
N PHE A 518 0.77 -34.15 4.45
CA PHE A 518 1.57 -33.50 3.42
C PHE A 518 2.81 -32.87 4.04
N LEU A 519 2.64 -32.14 5.14
CA LEU A 519 3.78 -31.47 5.75
C LEU A 519 4.72 -32.46 6.43
N VAL A 520 4.21 -33.55 7.00
CA VAL A 520 5.10 -34.55 7.55
C VAL A 520 6.05 -35.07 6.46
N THR A 521 5.48 -35.47 5.32
CA THR A 521 6.32 -36.00 4.26
C THR A 521 7.28 -34.93 3.72
N VAL A 522 6.77 -33.71 3.52
CA VAL A 522 7.60 -32.66 2.94
C VAL A 522 8.77 -32.33 3.87
N ILE A 523 8.50 -32.17 5.16
CA ILE A 523 9.54 -31.81 6.11
C ILE A 523 10.57 -32.93 6.20
N LYS A 524 10.11 -34.19 6.27
CA LYS A 524 11.06 -35.29 6.34
C LYS A 524 11.95 -35.33 5.11
N ASP A 525 11.35 -35.17 3.92
CA ASP A 525 12.15 -35.22 2.70
C ASP A 525 13.14 -34.06 2.65
N LEU A 526 12.72 -32.85 3.00
CA LEU A 526 13.63 -31.71 2.95
C LEU A 526 14.76 -31.86 3.94
N LEU A 527 14.47 -32.30 5.17
CA LEU A 527 15.52 -32.48 6.15
C LEU A 527 16.51 -33.55 5.70
N GLY A 528 16.00 -34.65 5.14
CA GLY A 528 16.90 -35.67 4.60
C GLY A 528 17.76 -35.15 3.47
N LEU A 529 17.18 -34.33 2.60
CA LEU A 529 17.93 -33.77 1.49
C LEU A 529 18.99 -32.79 1.96
N CYS A 530 18.73 -32.05 3.04
CA CYS A 530 19.70 -31.08 3.52
C CYS A 530 21.01 -31.75 3.91
N GLU A 531 20.93 -32.91 4.57
CA GLU A 531 22.12 -33.64 4.97
C GLU A 531 22.76 -34.40 3.82
N GLN A 532 22.09 -34.49 2.67
CA GLN A 532 22.63 -35.25 1.55
C GLN A 532 23.63 -34.42 0.75
N LYS A 533 23.20 -33.28 0.23
CA LYS A 533 24.09 -32.44 -0.55
C LYS A 533 25.21 -31.86 0.30
N ARG A 534 26.38 -31.70 -0.31
CA ARG A 534 27.58 -31.28 0.39
C ARG A 534 28.02 -29.86 0.08
N GLY A 535 27.75 -29.37 -1.12
CA GLY A 535 28.23 -28.05 -1.49
C GLY A 535 27.68 -26.96 -0.57
N LYS A 536 28.52 -25.98 -0.27
CA LYS A 536 28.08 -24.87 0.57
C LYS A 536 26.94 -24.11 -0.09
N ASP A 537 27.05 -23.83 -1.39
CA ASP A 537 25.98 -23.15 -2.10
C ASP A 537 24.71 -23.98 -2.10
N ASN A 538 24.85 -25.30 -2.22
CA ASN A 538 23.67 -26.17 -2.20
C ASN A 538 22.90 -26.03 -0.89
N LYS A 539 23.63 -26.01 0.24
CA LYS A 539 22.96 -25.88 1.53
C LYS A 539 22.28 -24.52 1.66
N ALA A 540 22.84 -23.47 1.05
CA ALA A 540 22.18 -22.18 1.09
C ALA A 540 20.84 -22.21 0.38
N ILE A 541 20.76 -22.87 -0.78
CA ILE A 541 19.50 -22.95 -1.51
C ILE A 541 18.52 -23.86 -0.77
N ILE A 542 19.00 -25.01 -0.31
CA ILE A 542 18.13 -25.95 0.39
C ILE A 542 17.63 -25.35 1.69
N ALA A 543 18.52 -24.68 2.43
CA ALA A 543 18.12 -24.11 3.72
C ALA A 543 17.05 -23.06 3.55
N SER A 544 17.15 -22.23 2.51
CA SER A 544 16.15 -21.18 2.29
C SER A 544 14.77 -21.77 2.13
N ASN A 545 14.66 -22.83 1.32
CA ASN A 545 13.36 -23.48 1.13
C ASN A 545 12.86 -24.07 2.45
N ILE A 546 13.76 -24.69 3.22
CA ILE A 546 13.35 -25.32 4.48
C ILE A 546 12.78 -24.27 5.41
N MET A 547 13.44 -23.12 5.52
CA MET A 547 12.97 -22.08 6.44
C MET A 547 11.85 -21.24 5.86
N TYR A 548 11.56 -21.38 4.57
CA TYR A 548 10.37 -20.74 4.01
C TYR A 548 9.13 -21.61 4.21
N ILE A 549 9.25 -22.92 4.00
CA ILE A 549 8.10 -23.81 4.17
C ILE A 549 7.63 -23.77 5.62
N VAL A 550 8.55 -23.95 6.57
CA VAL A 550 8.15 -24.02 7.98
C VAL A 550 7.58 -22.69 8.44
N GLY A 551 8.12 -21.58 7.94
CA GLY A 551 7.64 -20.28 8.38
C GLY A 551 6.18 -20.04 8.02
N GLN A 552 5.70 -20.63 6.93
CA GLN A 552 4.36 -20.40 6.45
C GLN A 552 3.35 -21.41 6.97
N TYR A 553 3.76 -22.37 7.80
CA TYR A 553 2.87 -23.42 8.30
C TYR A 553 2.90 -23.46 9.82
N PRO A 554 2.56 -22.35 10.49
CA PRO A 554 2.49 -22.38 11.95
C PRO A 554 1.44 -23.33 12.50
N ARG A 555 0.34 -23.53 11.77
CA ARG A 555 -0.72 -24.41 12.26
C ARG A 555 -0.21 -25.84 12.45
N PHE A 556 0.58 -26.33 11.50
CA PHE A 556 1.14 -27.67 11.65
C PHE A 556 2.08 -27.74 12.84
N LEU A 557 2.93 -26.73 13.01
CA LEU A 557 3.91 -26.75 14.09
C LEU A 557 3.23 -26.73 15.45
N ARG A 558 2.18 -25.92 15.61
CA ARG A 558 1.53 -25.82 16.92
C ARG A 558 1.00 -27.17 17.37
N ALA A 559 0.63 -28.04 16.44
CA ALA A 559 0.06 -29.33 16.80
C ALA A 559 1.12 -30.38 17.10
N HIS A 560 2.31 -30.26 16.52
CA HIS A 560 3.37 -31.24 16.65
C HIS A 560 4.57 -30.60 17.34
N TRP A 561 4.79 -30.97 18.60
CA TRP A 561 5.91 -30.41 19.36
C TRP A 561 7.24 -30.83 18.76
N LYS A 562 7.36 -32.09 18.35
CA LYS A 562 8.65 -32.59 17.87
C LYS A 562 9.14 -31.81 16.66
N PHE A 563 8.24 -31.54 15.71
CA PHE A 563 8.64 -30.82 14.51
C PHE A 563 8.99 -29.37 14.84
N LEU A 564 8.27 -28.75 15.78
CA LEU A 564 8.62 -27.40 16.20
C LEU A 564 10.02 -27.37 16.80
N LYS A 565 10.32 -28.32 17.68
CA LYS A 565 11.64 -28.42 18.27
C LYS A 565 12.71 -28.59 17.20
N THR A 566 12.47 -29.51 16.27
CA THR A 566 13.47 -29.79 15.23
C THR A 566 13.69 -28.57 14.35
N VAL A 567 12.61 -27.87 13.98
CA VAL A 567 12.74 -26.72 13.10
C VAL A 567 13.47 -25.58 13.80
N VAL A 568 13.17 -25.35 15.08
CA VAL A 568 13.87 -24.29 15.81
C VAL A 568 15.35 -24.62 15.93
N ASN A 569 15.68 -25.88 16.25
CA ASN A 569 17.09 -26.26 16.33
C ASN A 569 17.77 -26.10 14.99
N LYS A 570 17.10 -26.47 13.90
CA LYS A 570 17.68 -26.31 12.57
C LYS A 570 17.90 -24.84 12.25
N LEU A 571 16.95 -23.97 12.63
CA LEU A 571 17.15 -22.54 12.42
C LEU A 571 18.36 -22.04 13.20
N PHE A 572 18.52 -22.48 14.45
CA PHE A 572 19.71 -22.10 15.20
C PHE A 572 20.97 -22.58 14.49
N GLU A 573 20.93 -23.77 13.90
CA GLU A 573 22.08 -24.26 13.15
C GLU A 573 22.37 -23.37 11.95
N PHE A 574 21.34 -22.96 11.23
CA PHE A 574 21.54 -22.08 10.06
C PHE A 574 22.05 -20.70 10.46
N MET A 575 21.80 -20.26 11.69
CA MET A 575 22.29 -18.96 12.11
C MET A 575 23.80 -18.88 12.09
N HIS A 576 24.50 -20.01 12.08
CA HIS A 576 25.95 -20.03 12.04
C HIS A 576 26.50 -20.12 10.62
N GLU A 577 25.63 -20.18 9.60
CA GLU A 577 26.10 -20.26 8.23
C GLU A 577 26.75 -18.94 7.83
N THR A 578 27.90 -19.02 7.18
CA THR A 578 28.64 -17.83 6.73
C THR A 578 28.21 -17.45 5.31
N HIS A 579 26.92 -17.12 5.18
CA HIS A 579 26.36 -16.70 3.91
C HIS A 579 25.45 -15.50 4.17
N ASP A 580 25.31 -14.66 3.14
CA ASP A 580 24.67 -13.36 3.34
C ASP A 580 23.20 -13.49 3.74
N GLY A 581 22.43 -14.25 2.97
CA GLY A 581 20.98 -14.24 3.14
C GLY A 581 20.42 -15.28 4.10
N VAL A 582 21.19 -16.33 4.34
CA VAL A 582 20.69 -17.42 5.18
C VAL A 582 20.43 -16.94 6.59
N GLN A 583 21.34 -16.14 7.15
CA GLN A 583 21.15 -15.66 8.52
C GLN A 583 19.95 -14.74 8.63
N ASP A 584 19.79 -13.83 7.67
CA ASP A 584 18.64 -12.93 7.70
C ASP A 584 17.33 -13.72 7.59
N MET A 585 17.28 -14.70 6.69
CA MET A 585 16.09 -15.51 6.56
C MET A 585 15.82 -16.30 7.83
N ALA A 586 16.89 -16.81 8.47
CA ALA A 586 16.71 -17.57 9.70
C ALA A 586 16.11 -16.69 10.79
N CYS A 587 16.61 -15.47 10.95
CA CYS A 587 16.06 -14.58 11.97
C CYS A 587 14.61 -14.21 11.65
N ASP A 588 14.32 -13.91 10.39
CA ASP A 588 12.95 -13.56 10.03
C ASP A 588 12.00 -14.73 10.28
N THR A 589 12.40 -15.93 9.90
CA THR A 589 11.56 -17.10 10.14
C THR A 589 11.44 -17.40 11.62
N PHE A 590 12.48 -17.12 12.41
CA PHE A 590 12.37 -17.30 13.85
C PHE A 590 11.34 -16.34 14.43
N ILE A 591 11.33 -15.09 13.96
CA ILE A 591 10.27 -14.17 14.38
C ILE A 591 8.91 -14.71 13.99
N LYS A 592 8.79 -15.20 12.76
CA LYS A 592 7.50 -15.71 12.31
C LYS A 592 7.01 -16.86 13.17
N ILE A 593 7.91 -17.78 13.51
CA ILE A 593 7.51 -18.95 14.31
C ILE A 593 7.17 -18.51 15.73
N ALA A 594 8.04 -17.71 16.36
CA ALA A 594 7.82 -17.32 17.74
C ALA A 594 6.56 -16.49 17.90
N GLN A 595 6.34 -15.54 16.98
CA GLN A 595 5.19 -14.65 17.07
C GLN A 595 3.87 -15.41 16.93
N LYS A 596 3.88 -16.58 16.29
CA LYS A 596 2.67 -17.34 16.04
C LYS A 596 2.51 -18.56 16.93
N CYS A 597 3.57 -18.99 17.61
CA CYS A 597 3.56 -20.15 18.49
C CYS A 597 4.07 -19.78 19.88
N ARG A 598 3.58 -18.66 20.41
CA ARG A 598 4.10 -18.15 21.67
C ARG A 598 3.97 -19.20 22.79
N ARG A 599 2.74 -19.63 23.07
CA ARG A 599 2.47 -20.39 24.29
C ARG A 599 3.19 -21.73 24.32
N HIS A 600 3.62 -22.24 23.17
CA HIS A 600 4.28 -23.55 23.14
C HIS A 600 5.72 -23.51 23.64
N PHE A 601 6.30 -22.33 23.81
CA PHE A 601 7.66 -22.22 24.31
C PHE A 601 7.73 -22.07 25.82
N VAL A 602 6.71 -21.47 26.43
CA VAL A 602 6.74 -21.17 27.86
C VAL A 602 5.98 -22.23 28.66
N GLN A 603 5.74 -23.40 28.08
CA GLN A 603 5.03 -24.48 28.76
C GLN A 603 5.89 -25.74 28.73
N VAL A 604 5.77 -26.54 29.79
CA VAL A 604 6.50 -27.81 29.87
C VAL A 604 5.77 -28.82 28.98
N GLN A 605 6.37 -29.13 27.83
CA GLN A 605 5.75 -30.05 26.89
C GLN A 605 5.85 -31.48 27.42
N VAL A 606 5.28 -32.41 26.66
CA VAL A 606 5.17 -33.79 27.12
C VAL A 606 6.57 -34.40 27.32
N GLY A 607 7.46 -34.19 26.36
CA GLY A 607 8.77 -34.80 26.37
C GLY A 607 9.90 -33.93 26.90
N GLU A 608 9.59 -32.79 27.52
CA GLU A 608 10.61 -31.87 28.00
C GLU A 608 10.54 -31.78 29.53
N VAL A 609 11.69 -31.47 30.12
CA VAL A 609 11.76 -31.31 31.57
C VAL A 609 11.51 -29.88 32.01
N MET A 610 11.89 -28.90 31.18
CA MET A 610 11.70 -27.50 31.48
C MET A 610 11.28 -26.78 30.20
N PRO A 611 10.67 -25.60 30.33
CA PRO A 611 10.21 -24.89 29.13
C PRO A 611 11.36 -24.59 28.17
N PHE A 612 11.02 -24.62 26.87
CA PHE A 612 12.03 -24.41 25.84
C PHE A 612 12.64 -23.01 25.93
N ILE A 613 11.90 -22.05 26.50
CA ILE A 613 12.46 -20.71 26.67
C ILE A 613 13.69 -20.75 27.55
N ASP A 614 13.68 -21.60 28.58
CA ASP A 614 14.85 -21.74 29.43
C ASP A 614 16.05 -22.25 28.65
N GLU A 615 15.83 -23.26 27.79
CA GLU A 615 16.92 -23.76 26.98
C GLU A 615 17.47 -22.69 26.06
N ILE A 616 16.59 -21.91 25.43
CA ILE A 616 17.05 -20.86 24.52
C ILE A 616 17.85 -19.80 25.28
N LEU A 617 17.34 -19.37 26.43
CA LEU A 617 18.01 -18.33 27.20
C LEU A 617 19.35 -18.80 27.73
N ASN A 618 19.42 -20.03 28.25
CA ASN A 618 20.67 -20.52 28.81
C ASN A 618 21.77 -20.58 27.77
N ASN A 619 21.40 -20.82 26.50
CA ASN A 619 22.35 -20.92 25.41
C ASN A 619 22.26 -19.74 24.45
N ILE A 620 21.74 -18.60 24.91
CA ILE A 620 21.58 -17.44 24.03
C ILE A 620 22.94 -16.94 23.55
N ASN A 621 23.96 -17.03 24.42
CA ASN A 621 25.28 -16.54 24.05
C ASN A 621 25.84 -17.32 22.88
N THR A 622 25.70 -18.64 22.90
CA THR A 622 26.25 -19.47 21.84
C THR A 622 25.46 -19.34 20.55
N ILE A 623 24.14 -19.17 20.64
CA ILE A 623 23.31 -19.10 19.44
C ILE A 623 23.64 -17.88 18.59
N ILE A 624 23.99 -16.75 19.22
CA ILE A 624 24.04 -15.47 18.53
C ILE A 624 25.46 -15.04 18.21
N CYS A 625 26.47 -15.86 18.50
CA CYS A 625 27.85 -15.42 18.39
C CYS A 625 28.19 -14.98 16.97
N ASP A 626 27.55 -15.56 15.97
CA ASP A 626 27.90 -15.30 14.57
C ASP A 626 26.99 -14.30 13.90
N LEU A 627 26.04 -13.72 14.64
CA LEU A 627 25.11 -12.76 14.07
C LEU A 627 25.64 -11.34 14.17
N GLN A 628 25.26 -10.52 13.21
CA GLN A 628 25.58 -9.10 13.22
C GLN A 628 24.53 -8.32 13.99
N PRO A 629 24.80 -7.06 14.32
CA PRO A 629 23.92 -6.34 15.26
C PRO A 629 22.45 -6.34 14.87
N GLN A 630 22.12 -6.13 13.59
CA GLN A 630 20.72 -6.12 13.19
C GLN A 630 20.08 -7.47 13.43
N GLN A 631 20.79 -8.55 13.08
CA GLN A 631 20.29 -9.89 13.34
C GLN A 631 20.18 -10.17 14.83
N VAL A 632 21.08 -9.59 15.63
CA VAL A 632 20.98 -9.74 17.08
C VAL A 632 19.69 -9.10 17.59
N HIS A 633 19.38 -7.90 17.11
CA HIS A 633 18.14 -7.23 17.52
C HIS A 633 16.93 -8.04 17.07
N THR A 634 16.97 -8.59 15.85
CA THR A 634 15.86 -9.40 15.36
C THR A 634 15.66 -10.63 16.25
N PHE A 635 16.75 -11.29 16.62
CA PHE A 635 16.65 -12.46 17.48
C PHE A 635 16.10 -12.09 18.85
N TYR A 636 16.53 -10.96 19.39
CA TYR A 636 16.02 -10.54 20.70
C TYR A 636 14.53 -10.22 20.63
N GLU A 637 14.08 -9.61 19.54
CA GLU A 637 12.64 -9.39 19.39
C GLU A 637 11.89 -10.71 19.32
N ALA A 638 12.44 -11.69 18.58
CA ALA A 638 11.78 -12.99 18.49
C ALA A 638 11.66 -13.63 19.85
N VAL A 639 12.72 -13.59 20.65
CA VAL A 639 12.67 -14.17 21.99
C VAL A 639 11.71 -13.39 22.87
N GLY A 640 11.65 -12.07 22.70
CA GLY A 640 10.73 -11.27 23.50
C GLY A 640 9.28 -11.63 23.25
N TYR A 641 8.92 -11.88 21.99
CA TYR A 641 7.57 -12.33 21.70
C TYR A 641 7.21 -13.58 22.48
N MET A 642 8.21 -14.41 22.78
CA MET A 642 7.97 -15.65 23.52
C MET A 642 7.76 -15.39 25.01
N ILE A 643 8.39 -14.36 25.56
CA ILE A 643 8.23 -14.07 26.98
C ILE A 643 6.92 -13.36 27.27
N GLY A 644 6.35 -12.65 26.29
CA GLY A 644 5.10 -11.94 26.53
C GLY A 644 3.93 -12.83 26.83
N ALA A 645 4.01 -14.11 26.47
CA ALA A 645 2.90 -15.05 26.67
C ALA A 645 2.96 -15.76 28.02
N GLN A 646 3.98 -15.49 28.83
CA GLN A 646 4.07 -16.09 30.17
C GLN A 646 3.14 -15.30 31.09
N THR A 647 1.93 -15.83 31.31
CA THR A 647 0.92 -15.07 32.04
C THR A 647 1.36 -14.78 33.46
N ASP A 648 1.92 -15.76 34.15
CA ASP A 648 2.32 -15.60 35.55
C ASP A 648 3.38 -14.51 35.67
N GLN A 649 3.03 -13.38 36.29
CA GLN A 649 3.95 -12.27 36.38
C GLN A 649 5.16 -12.61 37.26
N THR A 650 4.94 -13.38 38.32
CA THR A 650 6.05 -13.74 39.20
C THR A 650 7.14 -14.48 38.45
N VAL A 651 6.77 -15.24 37.43
CA VAL A 651 7.76 -15.92 36.60
C VAL A 651 8.15 -15.08 35.38
N GLN A 652 7.23 -14.25 34.88
CA GLN A 652 7.56 -13.40 33.75
C GLN A 652 8.68 -12.42 34.09
N GLU A 653 8.67 -11.90 35.32
CA GLU A 653 9.72 -10.98 35.72
C GLU A 653 11.08 -11.68 35.74
N HIS A 654 11.13 -12.93 36.21
CA HIS A 654 12.38 -13.68 36.18
C HIS A 654 12.83 -13.94 34.75
N LEU A 655 11.90 -14.29 33.87
CA LEU A 655 12.25 -14.48 32.47
C LEU A 655 12.81 -13.20 31.86
N ILE A 656 12.21 -12.06 32.19
CA ILE A 656 12.72 -10.79 31.66
C ILE A 656 14.10 -10.50 32.22
N GLU A 657 14.30 -10.75 33.51
CA GLU A 657 15.60 -10.49 34.13
C GLU A 657 16.70 -11.32 33.47
N LYS A 658 16.43 -12.61 33.24
CA LYS A 658 17.41 -13.44 32.55
C LYS A 658 17.49 -13.12 31.06
N TYR A 659 16.47 -12.48 30.51
CA TYR A 659 16.40 -12.24 29.07
C TYR A 659 17.31 -11.09 28.65
N MET A 660 17.44 -10.06 29.49
CA MET A 660 18.25 -8.89 29.18
C MET A 660 19.57 -8.89 29.95
N LEU A 661 20.13 -10.07 30.20
CA LEU A 661 21.32 -10.16 31.06
C LEU A 661 22.55 -9.60 30.36
N LEU A 662 22.81 -10.02 29.11
CA LEU A 662 24.01 -9.55 28.41
C LEU A 662 23.98 -8.06 28.15
N PRO A 663 22.92 -7.49 27.56
CA PRO A 663 22.90 -6.04 27.38
C PRO A 663 22.96 -5.30 28.70
N ASN A 664 22.35 -5.83 29.76
CA ASN A 664 22.46 -5.18 31.06
C ASN A 664 23.91 -5.18 31.55
N GLN A 665 24.62 -6.27 31.35
CA GLN A 665 26.03 -6.32 31.75
C GLN A 665 26.85 -5.28 30.99
N VAL A 666 26.66 -5.21 29.67
CA VAL A 666 27.44 -4.25 28.89
C VAL A 666 27.08 -2.82 29.29
N TRP A 667 25.78 -2.55 29.48
CA TRP A 667 25.34 -1.23 29.90
C TRP A 667 25.93 -0.85 31.25
N ASP A 668 25.91 -1.78 32.20
CA ASP A 668 26.47 -1.50 33.52
C ASP A 668 27.97 -1.22 33.43
N SER A 669 28.69 -1.98 32.60
CA SER A 669 30.11 -1.72 32.44
C SER A 669 30.36 -0.33 31.88
N ILE A 670 29.60 0.05 30.84
CA ILE A 670 29.79 1.36 30.23
C ILE A 670 29.47 2.46 31.22
N ILE A 671 28.37 2.32 31.96
CA ILE A 671 27.98 3.36 32.91
C ILE A 671 29.00 3.46 34.04
N GLN A 672 29.53 2.33 34.50
CA GLN A 672 30.55 2.35 35.53
C GLN A 672 31.80 3.05 35.04
N GLN A 673 32.20 2.79 33.79
CA GLN A 673 33.34 3.51 33.22
C GLN A 673 33.07 5.01 33.14
N ALA A 674 31.86 5.39 32.73
CA ALA A 674 31.55 6.80 32.57
C ALA A 674 31.52 7.52 33.91
N THR A 675 31.01 6.85 34.96
CA THR A 675 30.82 7.53 36.24
C THR A 675 32.13 8.10 36.77
N LYS A 676 33.26 7.43 36.51
CA LYS A 676 34.55 7.91 36.98
C LYS A 676 35.30 8.75 35.96
N ASN A 677 34.93 8.66 34.68
CA ASN A 677 35.56 9.49 33.65
C ASN A 677 34.53 9.71 32.55
N VAL A 678 33.87 10.87 32.57
CA VAL A 678 32.81 11.15 31.61
C VAL A 678 33.35 11.23 30.18
N ASP A 679 34.67 11.41 30.01
CA ASP A 679 35.22 11.52 28.67
C ASP A 679 35.01 10.25 27.85
N ILE A 680 34.73 9.12 28.50
CA ILE A 680 34.55 7.88 27.77
C ILE A 680 33.39 7.97 26.80
N LEU A 681 32.40 8.83 27.10
CA LEU A 681 31.25 8.96 26.22
C LEU A 681 31.62 9.46 24.84
N LYS A 682 32.78 10.10 24.69
CA LYS A 682 33.22 10.63 23.42
C LYS A 682 33.96 9.60 22.56
N ASP A 683 34.22 8.41 23.09
CA ASP A 683 34.86 7.37 22.31
C ASP A 683 33.86 6.76 21.33
N PRO A 684 34.16 6.71 20.03
CA PRO A 684 33.16 6.19 19.08
C PRO A 684 32.67 4.79 19.41
N GLU A 685 33.55 3.91 19.89
CA GLU A 685 33.15 2.54 20.19
C GLU A 685 32.09 2.51 21.28
N THR A 686 32.29 3.31 22.33
CA THR A 686 31.30 3.34 23.41
C THR A 686 29.97 3.85 22.92
N VAL A 687 29.98 4.88 22.06
CA VAL A 687 28.73 5.42 21.53
C VAL A 687 28.02 4.35 20.70
N LYS A 688 28.76 3.62 19.87
CA LYS A 688 28.15 2.58 19.06
C LYS A 688 27.57 1.48 19.95
N GLN A 689 28.29 1.11 21.01
CA GLN A 689 27.78 0.10 21.94
C GLN A 689 26.48 0.56 22.57
N LEU A 690 26.43 1.82 23.03
CA LEU A 690 25.21 2.34 23.63
C LEU A 690 24.06 2.35 22.64
N GLY A 691 24.33 2.74 21.40
CA GLY A 691 23.28 2.72 20.39
C GLY A 691 22.75 1.33 20.15
N SER A 692 23.64 0.34 20.07
CA SER A 692 23.20 -1.04 19.87
C SER A 692 22.37 -1.53 21.05
N ILE A 693 22.81 -1.23 22.27
CA ILE A 693 22.07 -1.67 23.44
C ILE A 693 20.68 -1.03 23.46
N LEU A 694 20.61 0.27 23.13
CA LEU A 694 19.31 0.94 23.12
C LEU A 694 18.39 0.35 22.05
N LYS A 695 18.95 0.02 20.88
CA LYS A 695 18.13 -0.60 19.85
C LYS A 695 17.61 -1.96 20.31
N THR A 696 18.46 -2.75 20.96
CA THR A 696 18.02 -4.04 21.48
C THR A 696 16.90 -3.86 22.50
N ASN A 697 17.05 -2.88 23.39
CA ASN A 697 16.00 -2.63 24.37
C ASN A 697 14.71 -2.16 23.71
N VAL A 698 14.82 -1.36 22.65
CA VAL A 698 13.63 -0.91 21.94
C VAL A 698 12.88 -2.11 21.37
N ARG A 699 13.61 -3.01 20.72
CA ARG A 699 12.94 -4.19 20.14
C ARG A 699 12.35 -5.09 21.23
N ALA A 700 13.08 -5.27 22.33
CA ALA A 700 12.57 -6.09 23.43
C ALA A 700 11.30 -5.49 24.02
N CYS A 701 11.26 -4.17 24.15
CA CYS A 701 10.06 -3.50 24.65
C CYS A 701 8.91 -3.64 23.66
N LYS A 702 9.19 -3.49 22.37
CA LYS A 702 8.16 -3.67 21.36
C LYS A 702 7.55 -5.06 21.45
N ALA A 703 8.38 -6.06 21.75
CA ALA A 703 7.88 -7.43 21.83
C ALA A 703 7.13 -7.70 23.12
N VAL A 704 7.79 -7.49 24.27
CA VAL A 704 7.21 -7.89 25.55
C VAL A 704 5.95 -7.08 25.85
N GLY A 705 6.04 -5.75 25.74
CA GLY A 705 4.92 -4.90 26.05
C GLY A 705 4.99 -4.25 27.41
N HIS A 706 3.85 -4.12 28.08
CA HIS A 706 3.82 -3.43 29.37
C HIS A 706 4.74 -4.06 30.41
N PRO A 707 4.78 -5.37 30.59
CA PRO A 707 5.62 -5.94 31.67
C PRO A 707 7.09 -5.60 31.55
N PHE A 708 7.51 -4.95 30.46
CA PHE A 708 8.90 -4.55 30.29
C PHE A 708 9.32 -3.44 31.25
N VAL A 709 8.38 -2.86 31.99
CA VAL A 709 8.69 -1.73 32.87
C VAL A 709 9.82 -2.08 33.84
N ILE A 710 9.99 -3.36 34.15
CA ILE A 710 11.02 -3.75 35.11
C ILE A 710 12.40 -3.40 34.58
N GLN A 711 12.65 -3.64 33.30
CA GLN A 711 13.93 -3.26 32.69
C GLN A 711 14.02 -1.75 32.50
N LEU A 712 12.95 -1.15 32.00
CA LEU A 712 12.97 0.30 31.77
C LEU A 712 13.17 1.03 33.09
N GLY A 713 12.48 0.61 34.14
CA GLY A 713 12.71 1.19 35.45
C GLY A 713 14.11 0.94 35.96
N ARG A 714 14.76 -0.12 35.48
CA ARG A 714 16.13 -0.41 35.90
C ARG A 714 17.11 0.56 35.26
N ILE A 715 16.94 0.86 33.98
CA ILE A 715 17.92 1.65 33.24
C ILE A 715 17.42 3.06 32.95
N TYR A 716 16.36 3.51 33.62
CA TYR A 716 15.78 4.81 33.30
C TYR A 716 16.74 5.95 33.59
N LEU A 717 17.10 6.14 34.86
CA LEU A 717 17.84 7.34 35.25
C LEU A 717 19.19 7.41 34.55
N ASP A 718 19.90 6.29 34.49
CA ASP A 718 21.20 6.28 33.81
C ASP A 718 21.05 6.64 32.34
N MET A 719 19.97 6.17 31.70
CA MET A 719 19.73 6.48 30.31
C MET A 719 19.55 7.98 30.10
N LEU A 720 18.79 8.64 30.98
CA LEU A 720 18.59 10.08 30.85
C LEU A 720 19.87 10.85 31.16
N ASN A 721 20.67 10.36 32.11
CA ASN A 721 21.95 11.00 32.37
C ASN A 721 22.86 10.92 31.14
N VAL A 722 22.90 9.75 30.49
CA VAL A 722 23.67 9.60 29.26
C VAL A 722 23.13 10.54 28.19
N TYR A 723 21.80 10.66 28.11
CA TYR A 723 21.20 11.57 27.13
C TYR A 723 21.66 12.99 27.37
N LYS A 724 21.66 13.44 28.63
CA LYS A 724 22.08 14.80 28.92
C LYS A 724 23.55 15.02 28.60
N CYS A 725 24.41 14.05 28.94
CA CYS A 725 25.83 14.19 28.63
C CYS A 725 26.05 14.27 27.13
N LEU A 726 25.38 13.41 26.36
CA LEU A 726 25.52 13.44 24.91
C LEU A 726 25.02 14.76 24.34
N SER A 727 23.91 15.26 24.86
CA SER A 727 23.39 16.54 24.39
C SER A 727 24.39 17.66 24.66
N GLU A 728 24.99 17.67 25.85
CA GLU A 728 25.99 18.68 26.17
C GLU A 728 27.17 18.60 25.20
N ASN A 729 27.66 17.40 24.96
CA ASN A 729 28.82 17.24 24.10
C ASN A 729 28.52 17.69 22.67
N ILE A 730 27.36 17.27 22.14
CA ILE A 730 27.02 17.63 20.76
C ILE A 730 26.79 19.13 20.63
N SER A 731 26.13 19.74 21.62
CA SER A 731 25.92 21.19 21.57
C SER A 731 27.25 21.92 21.62
N ALA A 732 28.16 21.48 22.48
CA ALA A 732 29.47 22.12 22.54
C ALA A 732 30.21 22.00 21.22
N ALA A 733 30.18 20.81 20.61
CA ALA A 733 30.85 20.62 19.33
C ALA A 733 30.29 21.54 18.27
N ILE A 734 28.96 21.59 18.16
CA ILE A 734 28.33 22.44 17.14
C ILE A 734 28.67 23.90 17.38
N GLN A 735 28.60 24.34 18.64
CA GLN A 735 28.89 25.74 18.95
C GLN A 735 30.34 26.08 18.62
N ALA A 736 31.27 25.18 18.94
CA ALA A 736 32.68 25.47 18.73
C ALA A 736 33.14 25.28 17.29
N ASN A 737 32.35 24.60 16.45
CA ASN A 737 32.76 24.38 15.07
C ASN A 737 31.63 24.57 14.07
N GLY A 738 30.51 25.17 14.46
CA GLY A 738 29.46 25.50 13.52
C GLY A 738 28.51 24.36 13.24
N GLU A 739 27.50 24.67 12.43
CA GLU A 739 26.47 23.70 12.09
C GLU A 739 26.97 22.61 11.16
N MET A 740 28.11 22.81 10.48
CA MET A 740 28.61 21.81 9.56
C MET A 740 28.93 20.50 10.28
N VAL A 741 29.24 20.56 11.58
CA VAL A 741 29.67 19.37 12.32
C VAL A 741 28.57 18.32 12.42
N THR A 742 27.31 18.68 12.15
CA THR A 742 26.25 17.69 12.28
C THR A 742 26.41 16.54 11.30
N LYS A 743 27.25 16.69 10.29
CA LYS A 743 27.46 15.66 9.28
C LYS A 743 28.53 14.65 9.68
N GLN A 744 29.26 14.88 10.77
CA GLN A 744 30.34 13.99 11.15
C GLN A 744 29.78 12.64 11.58
N PRO A 745 30.59 11.57 11.52
CA PRO A 745 30.09 10.25 11.91
C PRO A 745 29.79 10.14 13.40
N LEU A 746 30.71 10.63 14.23
CA LEU A 746 30.54 10.53 15.68
C LEU A 746 29.29 11.28 16.13
N ILE A 747 29.07 12.47 15.58
CA ILE A 747 27.89 13.25 15.95
C ILE A 747 26.62 12.50 15.55
N ARG A 748 26.63 11.89 14.37
CA ARG A 748 25.46 11.13 13.94
C ARG A 748 25.22 9.94 14.86
N SER A 749 26.29 9.28 15.32
CA SER A 749 26.12 8.18 16.26
C SER A 749 25.53 8.65 17.58
N MET A 750 26.00 9.79 18.07
CA MET A 750 25.46 10.33 19.32
C MET A 750 23.99 10.70 19.17
N ARG A 751 23.64 11.32 18.05
CA ARG A 751 22.24 11.62 17.77
C ARG A 751 21.43 10.34 17.67
N THR A 752 22.02 9.27 17.14
CA THR A 752 21.32 7.98 17.09
C THR A 752 21.04 7.46 18.50
N VAL A 753 22.01 7.62 19.40
CA VAL A 753 21.79 7.20 20.79
C VAL A 753 20.61 7.97 21.38
N LYS A 754 20.59 9.29 21.18
CA LYS A 754 19.48 10.09 21.69
C LYS A 754 18.15 9.64 21.07
N ARG A 755 18.15 9.39 19.76
CA ARG A 755 16.95 8.97 19.06
C ARG A 755 16.42 7.66 19.62
N GLU A 756 17.32 6.71 19.88
CA GLU A 756 16.88 5.41 20.39
C GLU A 756 16.35 5.54 21.81
N THR A 757 16.96 6.40 22.62
CA THR A 757 16.40 6.66 23.95
C THR A 757 14.96 7.14 23.84
N LEU A 758 14.73 8.16 23.01
CA LEU A 758 13.38 8.70 22.87
C LEU A 758 12.43 7.64 22.34
N LYS A 759 12.88 6.83 21.37
CA LYS A 759 12.02 5.80 20.80
C LYS A 759 11.65 4.74 21.84
N LEU A 760 12.61 4.35 22.69
CA LEU A 760 12.31 3.39 23.75
C LEU A 760 11.25 3.94 24.69
N ILE A 761 11.42 5.18 25.13
CA ILE A 761 10.45 5.78 26.04
C ILE A 761 9.08 5.84 25.38
N SER A 762 9.03 6.28 24.13
CA SER A 762 7.76 6.41 23.44
C SER A 762 7.08 5.06 23.32
N GLY A 763 7.83 4.02 22.94
CA GLY A 763 7.24 2.71 22.79
C GLY A 763 6.67 2.18 24.08
N TRP A 764 7.44 2.26 25.17
CA TRP A 764 6.91 1.74 26.43
C TRP A 764 5.68 2.51 26.87
N VAL A 765 5.72 3.85 26.76
CA VAL A 765 4.58 4.64 27.18
C VAL A 765 3.34 4.29 26.35
N SER A 766 3.52 4.11 25.05
CA SER A 766 2.40 3.73 24.20
C SER A 766 1.86 2.36 24.57
N ARG A 767 2.71 1.47 25.08
CA ARG A 767 2.25 0.15 25.48
C ARG A 767 1.82 0.09 26.95
N SER A 768 2.00 1.16 27.72
CA SER A 768 1.65 1.13 29.13
C SER A 768 0.14 1.31 29.32
N ASN A 769 -0.33 0.97 30.52
CA ASN A 769 -1.75 1.10 30.84
C ASN A 769 -1.96 1.58 32.29
N ASP A 770 -0.98 2.31 32.84
CA ASP A 770 -1.07 2.85 34.20
C ASP A 770 -0.68 4.32 34.16
N PRO A 771 -1.61 5.19 33.74
CA PRO A 771 -1.24 6.61 33.60
C PRO A 771 -0.72 7.25 34.88
N GLN A 772 -1.26 6.89 36.04
CA GLN A 772 -0.86 7.53 37.28
C GLN A 772 0.62 7.31 37.56
N MET A 773 1.08 6.06 37.47
CA MET A 773 2.48 5.76 37.75
C MET A 773 3.39 6.42 36.73
N VAL A 774 2.99 6.41 35.46
CA VAL A 774 3.81 7.03 34.42
C VAL A 774 3.98 8.53 34.70
N ALA A 775 2.88 9.20 35.06
CA ALA A 775 2.97 10.62 35.37
C ALA A 775 3.79 10.87 36.63
N GLU A 776 3.70 9.96 37.61
CA GLU A 776 4.38 10.19 38.88
C GLU A 776 5.89 9.99 38.77
N ASN A 777 6.32 8.96 38.04
CA ASN A 777 7.71 8.53 38.07
C ASN A 777 8.51 8.89 36.82
N PHE A 778 7.92 8.79 35.64
CA PHE A 778 8.68 8.86 34.39
C PHE A 778 8.66 10.24 33.74
N VAL A 779 7.54 10.95 33.80
CA VAL A 779 7.42 12.20 33.05
C VAL A 779 8.39 13.27 33.51
N PRO A 780 8.52 13.56 34.81
CA PRO A 780 9.28 14.75 35.24
C PRO A 780 10.74 14.67 34.80
N PRO A 781 11.44 13.56 35.06
CA PRO A 781 12.83 13.49 34.58
C PRO A 781 12.95 13.64 33.08
N LEU A 782 12.01 13.06 32.33
CA LEU A 782 12.07 13.17 30.88
C LEU A 782 11.92 14.63 30.44
N LEU A 783 10.95 15.34 31.01
CA LEU A 783 10.79 16.75 30.66
C LEU A 783 12.04 17.54 31.00
N ASP A 784 12.60 17.30 32.19
CA ASP A 784 13.78 18.02 32.61
C ASP A 784 14.94 17.78 31.65
N ALA A 785 15.13 16.53 31.22
CA ALA A 785 16.26 16.20 30.36
C ALA A 785 16.06 16.68 28.92
N VAL A 786 14.83 16.71 28.44
CA VAL A 786 14.55 16.89 27.01
C VAL A 786 14.22 18.34 26.67
N LEU A 787 13.33 18.98 27.43
CA LEU A 787 12.68 20.19 26.94
C LEU A 787 13.69 21.31 26.66
N ILE A 788 14.53 21.63 27.64
CA ILE A 788 15.43 22.78 27.47
C ILE A 788 16.41 22.53 26.35
N ASP A 789 16.93 21.30 26.26
CA ASP A 789 17.90 20.98 25.20
C ASP A 789 17.31 21.20 23.83
N TYR A 790 16.05 20.81 23.63
CA TYR A 790 15.40 21.03 22.33
C TYR A 790 15.32 22.51 22.01
N GLN A 791 14.96 23.34 23.00
CA GLN A 791 14.84 24.76 22.76
C GLN A 791 16.19 25.38 22.41
N ARG A 792 17.24 25.02 23.14
CA ARG A 792 18.52 25.71 22.96
C ARG A 792 19.25 25.27 21.70
N ASN A 793 19.05 24.04 21.25
CA ASN A 793 19.78 23.55 20.10
C ASN A 793 19.40 24.31 18.84
N VAL A 794 20.32 24.33 17.87
CA VAL A 794 20.09 24.97 16.59
C VAL A 794 19.12 24.10 15.79
N PRO A 795 18.47 24.64 14.75
CA PRO A 795 17.44 23.85 14.04
C PRO A 795 17.96 22.53 13.49
N ALA A 796 19.22 22.48 13.07
CA ALA A 796 19.75 21.23 12.50
C ALA A 796 19.95 20.16 13.56
N ALA A 797 20.20 20.56 14.80
CA ALA A 797 20.49 19.62 15.87
C ALA A 797 19.28 19.23 16.71
N ARG A 798 18.09 19.72 16.35
CA ARG A 798 16.89 19.39 17.12
C ARG A 798 16.32 18.06 16.65
N GLU A 799 16.08 17.16 17.61
CA GLU A 799 15.61 15.82 17.29
C GLU A 799 14.09 15.83 17.13
N PRO A 800 13.54 15.44 15.98
CA PRO A 800 12.08 15.45 15.83
C PRO A 800 11.37 14.46 16.73
N GLU A 801 12.06 13.45 17.25
CA GLU A 801 11.40 12.44 18.07
C GLU A 801 10.90 13.01 19.39
N VAL A 802 11.39 14.18 19.81
CA VAL A 802 10.88 14.79 21.03
C VAL A 802 9.40 15.10 20.88
N LEU A 803 9.02 15.66 19.73
CA LEU A 803 7.62 15.98 19.51
C LEU A 803 6.76 14.72 19.52
N SER A 804 7.22 13.65 18.86
CA SER A 804 6.45 12.42 18.83
C SER A 804 6.31 11.81 20.23
N THR A 805 7.39 11.81 21.02
CA THR A 805 7.32 11.30 22.38
C THR A 805 6.34 12.10 23.21
N MET A 806 6.38 13.43 23.09
CA MET A 806 5.46 14.26 23.86
C MET A 806 4.02 14.01 23.42
N ALA A 807 3.80 13.83 22.12
CA ALA A 807 2.45 13.54 21.64
C ALA A 807 1.94 12.22 22.21
N ILE A 808 2.79 11.19 22.22
CA ILE A 808 2.38 9.90 22.75
C ILE A 808 2.06 10.01 24.24
N ILE A 809 2.91 10.71 24.99
CA ILE A 809 2.67 10.87 26.42
C ILE A 809 1.37 11.62 26.66
N VAL A 810 1.10 12.65 25.86
CA VAL A 810 -0.14 13.41 26.01
C VAL A 810 -1.35 12.52 25.71
N ASN A 811 -1.25 11.73 24.64
CA ASN A 811 -2.37 10.85 24.29
C ASN A 811 -2.64 9.84 25.40
N LYS A 812 -1.60 9.28 25.99
CA LYS A 812 -1.81 8.24 26.99
C LYS A 812 -2.24 8.82 28.32
N LEU A 813 -1.48 9.78 28.86
CA LEU A 813 -1.77 10.29 30.20
C LEU A 813 -3.05 11.11 30.22
N GLY A 814 -3.31 11.86 29.16
CA GLY A 814 -4.50 12.69 29.15
C GLY A 814 -4.45 13.75 30.23
N GLY A 815 -5.48 13.80 31.06
CA GLY A 815 -5.60 14.84 32.06
C GLY A 815 -4.49 14.86 33.09
N HIS A 816 -3.76 13.76 33.23
CA HIS A 816 -2.71 13.69 34.24
C HIS A 816 -1.51 14.56 33.90
N ILE A 817 -1.36 14.97 32.64
CA ILE A 817 -0.23 15.79 32.20
C ILE A 817 -0.66 17.18 31.80
N THR A 818 -1.95 17.51 31.87
CA THR A 818 -2.41 18.82 31.42
C THR A 818 -1.74 19.96 32.16
N ALA A 819 -1.24 19.72 33.37
CA ALA A 819 -0.55 20.77 34.12
C ALA A 819 0.82 21.10 33.55
N GLU A 820 1.43 20.18 32.79
CA GLU A 820 2.74 20.41 32.21
C GLU A 820 2.68 20.91 30.78
N ILE A 821 1.50 20.98 30.17
CA ILE A 821 1.40 21.43 28.77
C ILE A 821 1.96 22.83 28.62
N PRO A 822 1.70 23.79 29.51
CA PRO A 822 2.30 25.12 29.33
C PRO A 822 3.80 25.08 29.22
N GLN A 823 4.47 24.25 30.03
CA GLN A 823 5.92 24.13 29.94
C GLN A 823 6.34 23.55 28.60
N ILE A 824 5.63 22.52 28.14
CA ILE A 824 5.97 21.88 26.87
C ILE A 824 5.86 22.88 25.73
N PHE A 825 4.78 23.66 25.70
CA PHE A 825 4.65 24.66 24.64
C PHE A 825 5.69 25.77 24.79
N ASP A 826 5.96 26.21 26.01
CA ASP A 826 6.95 27.26 26.20
C ASP A 826 8.31 26.83 25.68
N ALA A 827 8.63 25.54 25.81
CA ALA A 827 9.94 25.05 25.42
C ALA A 827 10.01 24.60 23.96
N VAL A 828 8.91 24.11 23.39
CA VAL A 828 8.97 23.39 22.13
C VAL A 828 8.10 24.01 21.04
N PHE A 829 7.04 24.71 21.43
CA PHE A 829 6.03 25.09 20.45
C PHE A 829 6.53 26.14 19.48
N GLU A 830 6.85 27.34 19.98
CA GLU A 830 7.19 28.44 19.08
C GLU A 830 8.47 28.16 18.30
N CYS A 831 9.43 27.45 18.92
CA CYS A 831 10.68 27.16 18.23
C CYS A 831 10.43 26.33 16.97
N THR A 832 9.56 25.33 17.06
CA THR A 832 9.31 24.46 15.91
C THR A 832 8.48 25.16 14.85
N LEU A 833 7.53 26.00 15.26
CA LEU A 833 6.65 26.63 14.28
C LEU A 833 7.45 27.47 13.29
N ASN A 834 8.41 28.26 13.77
CA ASN A 834 9.24 29.05 12.87
C ASN A 834 10.07 28.19 11.95
N MET A 835 10.26 26.92 12.30
CA MET A 835 11.06 26.00 11.49
C MET A 835 10.26 25.35 10.38
N ILE A 836 8.93 25.34 10.48
CA ILE A 836 8.08 24.61 9.55
C ILE A 836 7.47 25.53 8.50
N ASN A 837 7.01 26.71 8.89
CA ASN A 837 6.19 27.53 8.01
C ASN A 837 6.99 28.13 6.86
N LYS A 838 8.26 28.46 7.08
CA LYS A 838 8.99 29.25 6.10
C LYS A 838 9.09 28.53 4.75
N ASP A 839 9.39 27.23 4.76
CA ASP A 839 9.54 26.46 3.54
C ASP A 839 9.23 25.00 3.85
N PHE A 840 8.47 24.35 2.95
CA PHE A 840 7.99 23.01 3.25
C PHE A 840 9.14 22.02 3.40
N GLU A 841 9.97 21.90 2.37
CA GLU A 841 10.87 20.76 2.27
C GLU A 841 11.98 20.78 3.32
N GLU A 842 12.15 21.88 4.05
CA GLU A 842 13.26 21.99 4.99
C GLU A 842 13.20 20.89 6.04
N TYR A 843 12.04 20.74 6.70
CA TYR A 843 11.90 19.82 7.83
C TYR A 843 10.55 19.12 7.75
N PRO A 844 10.46 18.03 6.99
CA PRO A 844 9.18 17.34 6.85
C PRO A 844 8.73 16.61 8.12
N GLU A 845 9.65 15.84 8.73
CA GLU A 845 9.28 15.06 9.89
C GLU A 845 8.86 15.94 11.06
N HIS A 846 9.58 17.05 11.26
CA HIS A 846 9.21 17.98 12.32
C HIS A 846 7.78 18.46 12.16
N ARG A 847 7.36 18.74 10.93
CA ARG A 847 5.99 19.17 10.69
C ARG A 847 5.00 18.11 11.16
N THR A 848 5.19 16.86 10.74
CA THR A 848 4.25 15.81 11.09
C THR A 848 4.19 15.63 12.60
N ASN A 849 5.35 15.57 13.26
CA ASN A 849 5.35 15.38 14.70
C ASN A 849 4.73 16.56 15.42
N PHE A 850 5.01 17.78 14.96
CA PHE A 850 4.43 18.97 15.58
C PHE A 850 2.92 18.96 15.49
N PHE A 851 2.37 18.63 14.32
CA PHE A 851 0.92 18.61 14.18
C PHE A 851 0.30 17.45 14.97
N LEU A 852 1.00 16.31 15.05
CA LEU A 852 0.50 15.24 15.91
C LEU A 852 0.43 15.70 17.37
N LEU A 853 1.47 16.37 17.86
CA LEU A 853 1.45 16.87 19.23
C LEU A 853 0.32 17.88 19.42
N LEU A 854 0.14 18.79 18.47
CA LEU A 854 -0.92 19.79 18.60
C LEU A 854 -2.29 19.13 18.63
N GLN A 855 -2.51 18.14 17.76
CA GLN A 855 -3.79 17.44 17.74
C GLN A 855 -4.02 16.70 19.05
N ALA A 856 -2.99 16.03 19.57
CA ALA A 856 -3.14 15.32 20.83
C ALA A 856 -3.50 16.27 21.97
N VAL A 857 -2.81 17.41 22.04
CA VAL A 857 -3.10 18.37 23.09
C VAL A 857 -4.53 18.88 22.95
N ASN A 858 -4.93 19.23 21.73
CA ASN A 858 -6.28 19.75 21.52
C ASN A 858 -7.33 18.71 21.92
N SER A 859 -7.08 17.44 21.59
CA SER A 859 -8.10 16.42 21.85
C SER A 859 -8.19 16.10 23.34
N HIS A 860 -7.07 15.94 24.02
CA HIS A 860 -7.08 15.39 25.37
C HIS A 860 -6.89 16.41 26.48
N CYS A 861 -6.11 17.47 26.26
CA CYS A 861 -5.79 18.44 27.30
C CYS A 861 -6.14 19.84 26.84
N PHE A 862 -7.36 20.01 26.31
CA PHE A 862 -7.78 21.32 25.84
C PHE A 862 -7.68 22.40 26.90
N PRO A 863 -8.07 22.18 28.16
CA PRO A 863 -8.02 23.26 29.16
C PRO A 863 -6.66 23.92 29.26
N ALA A 864 -5.62 23.26 28.73
CA ALA A 864 -4.29 23.86 28.72
C ALA A 864 -4.28 25.14 27.90
N PHE A 865 -5.00 25.15 26.78
CA PHE A 865 -5.01 26.33 25.91
C PHE A 865 -5.45 27.58 26.66
N LEU A 866 -6.27 27.42 27.70
CA LEU A 866 -6.68 28.57 28.50
C LEU A 866 -5.60 28.99 29.49
N ALA A 867 -4.62 28.13 29.76
CA ALA A 867 -3.55 28.45 30.69
C ALA A 867 -2.40 29.18 30.03
N ILE A 868 -2.08 28.84 28.79
CA ILE A 868 -0.98 29.49 28.06
C ILE A 868 -1.34 30.94 27.83
N PRO A 869 -0.37 31.84 27.69
CA PRO A 869 -0.70 33.24 27.49
C PRO A 869 -1.43 33.43 26.18
N PRO A 870 -2.26 34.48 26.08
CA PRO A 870 -3.08 34.66 24.87
C PRO A 870 -2.25 34.75 23.59
N THR A 871 -1.03 35.28 23.66
CA THR A 871 -0.20 35.35 22.46
C THR A 871 0.11 33.97 21.92
N GLN A 872 0.38 33.01 22.82
CA GLN A 872 0.63 31.65 22.35
C GLN A 872 -0.62 31.02 21.75
N PHE A 873 -1.80 31.35 22.28
CA PHE A 873 -3.03 30.87 21.65
C PHE A 873 -3.20 31.48 20.27
N LYS A 874 -2.85 32.76 20.12
CA LYS A 874 -2.86 33.38 18.80
C LYS A 874 -1.94 32.63 17.84
N LEU A 875 -0.74 32.29 18.32
CA LEU A 875 0.19 31.53 17.48
C LEU A 875 -0.37 30.16 17.12
N VAL A 876 -1.05 29.50 18.07
CA VAL A 876 -1.65 28.20 17.79
C VAL A 876 -2.70 28.33 16.69
N LEU A 877 -3.55 29.36 16.79
CA LEU A 877 -4.57 29.57 15.78
C LEU A 877 -3.96 29.90 14.44
N ASP A 878 -2.88 30.69 14.43
CA ASP A 878 -2.19 30.99 13.18
C ASP A 878 -1.62 29.72 12.55
N SER A 879 -1.05 28.84 13.37
CA SER A 879 -0.55 27.58 12.86
C SER A 879 -1.66 26.73 12.27
N ILE A 880 -2.80 26.66 12.95
CA ILE A 880 -3.93 25.89 12.43
C ILE A 880 -4.40 26.47 11.11
N ILE A 881 -4.48 27.80 11.02
CA ILE A 881 -4.92 28.44 9.79
C ILE A 881 -3.93 28.14 8.66
N TRP A 882 -2.63 28.24 8.95
CA TRP A 882 -1.63 27.90 7.95
C TRP A 882 -1.73 26.45 7.55
N ALA A 883 -2.24 25.59 8.44
CA ALA A 883 -2.32 24.16 8.13
C ALA A 883 -3.28 23.90 6.98
N PHE A 884 -4.51 24.43 7.07
CA PHE A 884 -5.53 24.12 6.08
C PHE A 884 -5.49 25.03 4.86
N LYS A 885 -4.65 26.06 4.86
CA LYS A 885 -4.40 26.83 3.66
C LYS A 885 -3.18 26.32 2.89
N HIS A 886 -2.57 25.22 3.34
CA HIS A 886 -1.43 24.66 2.65
C HIS A 886 -1.88 24.03 1.34
N THR A 887 -0.90 23.73 0.48
CA THR A 887 -1.21 23.14 -0.82
C THR A 887 -1.35 21.62 -0.74
N MET A 888 -0.37 20.95 -0.15
CA MET A 888 -0.45 19.51 0.02
C MET A 888 -1.72 19.11 0.78
N ARG A 889 -2.19 17.90 0.51
CA ARG A 889 -3.50 17.47 0.99
C ARG A 889 -3.47 17.05 2.45
N ASN A 890 -2.58 16.12 2.81
CA ASN A 890 -2.65 15.49 4.12
C ASN A 890 -2.53 16.51 5.25
N VAL A 891 -1.60 17.45 5.12
CA VAL A 891 -1.45 18.47 6.16
C VAL A 891 -2.70 19.34 6.23
N ALA A 892 -3.32 19.61 5.07
CA ALA A 892 -4.57 20.37 5.07
C ALA A 892 -5.67 19.59 5.78
N ASP A 893 -5.75 18.28 5.55
CA ASP A 893 -6.77 17.48 6.23
C ASP A 893 -6.54 17.49 7.74
N THR A 894 -5.29 17.39 8.16
CA THR A 894 -4.99 17.47 9.58
C THR A 894 -5.41 18.82 10.15
N GLY A 895 -5.17 19.90 9.40
CA GLY A 895 -5.61 21.21 9.83
C GLY A 895 -7.12 21.29 9.99
N LEU A 896 -7.87 20.74 9.02
CA LEU A 896 -9.31 20.73 9.14
C LEU A 896 -9.76 19.98 10.39
N GLN A 897 -9.16 18.80 10.64
CA GLN A 897 -9.54 18.02 11.80
C GLN A 897 -9.28 18.80 13.09
N ILE A 898 -8.10 19.40 13.20
CA ILE A 898 -7.75 20.14 14.41
C ILE A 898 -8.69 21.31 14.60
N LEU A 899 -8.98 22.05 13.52
CA LEU A 899 -9.85 23.21 13.65
C LEU A 899 -11.26 22.80 14.06
N PHE A 900 -11.79 21.73 13.47
CA PHE A 900 -13.14 21.31 13.84
C PHE A 900 -13.19 20.87 15.29
N THR A 901 -12.17 20.13 15.75
CA THR A 901 -12.13 19.72 17.15
C THR A 901 -12.03 20.93 18.07
N LEU A 902 -11.25 21.93 17.67
CA LEU A 902 -11.12 23.14 18.49
C LEU A 902 -12.45 23.87 18.59
N LEU A 903 -13.16 24.00 17.47
CA LEU A 903 -14.48 24.65 17.51
C LEU A 903 -15.44 23.88 18.40
N GLN A 904 -15.44 22.55 18.31
CA GLN A 904 -16.32 21.77 19.19
C GLN A 904 -15.95 21.98 20.65
N ASN A 905 -14.66 21.97 20.97
CA ASN A 905 -14.23 22.03 22.36
C ASN A 905 -14.51 23.40 22.97
N VAL A 906 -14.21 24.48 22.24
CA VAL A 906 -14.30 25.81 22.82
C VAL A 906 -15.73 26.13 23.23
N ALA A 907 -16.72 25.49 22.60
CA ALA A 907 -18.11 25.80 22.90
C ALA A 907 -18.56 25.32 24.27
N GLN A 908 -17.75 24.51 24.96
CA GLN A 908 -18.12 23.93 26.25
C GLN A 908 -17.65 24.78 27.43
N GLU A 909 -17.09 25.95 27.19
CA GLU A 909 -16.62 26.84 28.24
C GLU A 909 -17.23 28.22 28.01
N GLU A 910 -17.82 28.79 29.06
CA GLU A 910 -18.69 29.96 28.88
C GLU A 910 -17.91 31.21 28.51
N ALA A 911 -17.05 31.70 29.42
CA ALA A 911 -16.31 32.93 29.15
C ALA A 911 -15.34 32.73 27.98
N ALA A 912 -14.65 31.59 27.97
CA ALA A 912 -13.72 31.32 26.90
C ALA A 912 -14.41 31.30 25.54
N ALA A 913 -15.62 30.73 25.49
CA ALA A 913 -16.34 30.70 24.22
C ALA A 913 -16.62 32.11 23.70
N GLN A 914 -17.12 32.99 24.58
CA GLN A 914 -17.42 34.35 24.15
C GLN A 914 -16.17 35.08 23.69
N SER A 915 -15.08 34.96 24.46
CA SER A 915 -13.85 35.64 24.09
C SER A 915 -13.32 35.11 22.76
N PHE A 916 -13.32 33.79 22.59
CA PHE A 916 -12.82 33.20 21.36
C PHE A 916 -13.65 33.61 20.16
N TYR A 917 -14.98 33.62 20.31
CA TYR A 917 -15.83 34.04 19.21
C TYR A 917 -15.54 35.49 18.84
N GLN A 918 -15.58 36.38 19.83
CA GLN A 918 -15.35 37.79 19.56
C GLN A 918 -14.00 38.03 18.91
N THR A 919 -12.99 37.21 19.24
CA THR A 919 -11.64 37.48 18.76
C THR A 919 -11.32 36.81 17.43
N TYR A 920 -11.91 35.64 17.14
CA TYR A 920 -11.47 34.85 16.00
C TYR A 920 -12.59 34.35 15.10
N PHE A 921 -13.86 34.57 15.44
CA PHE A 921 -14.94 33.94 14.69
C PHE A 921 -14.93 34.38 13.23
N CYS A 922 -14.82 35.70 13.00
CA CYS A 922 -14.87 36.21 11.64
C CYS A 922 -13.65 35.79 10.82
N ASP A 923 -12.47 35.78 11.44
CA ASP A 923 -11.25 35.43 10.70
C ASP A 923 -11.30 34.01 10.18
N ILE A 924 -11.81 33.08 10.98
CA ILE A 924 -11.89 31.69 10.55
C ILE A 924 -12.84 31.56 9.37
N LEU A 925 -13.99 32.25 9.43
CA LEU A 925 -14.92 32.22 8.31
C LEU A 925 -14.27 32.78 7.05
N GLN A 926 -13.57 33.91 7.18
CA GLN A 926 -12.93 34.51 6.03
C GLN A 926 -11.92 33.57 5.40
N HIS A 927 -11.09 32.93 6.23
CA HIS A 927 -10.08 32.02 5.71
C HIS A 927 -10.72 30.80 5.06
N ILE A 928 -11.76 30.24 5.69
CA ILE A 928 -12.39 29.04 5.13
C ILE A 928 -13.04 29.37 3.80
N PHE A 929 -13.73 30.51 3.71
CA PHE A 929 -14.34 30.88 2.44
C PHE A 929 -13.29 31.15 1.37
N SER A 930 -12.17 31.78 1.75
CA SER A 930 -11.10 31.99 0.78
C SER A 930 -10.58 30.66 0.27
N VAL A 931 -10.44 29.67 1.15
CA VAL A 931 -10.00 28.34 0.72
C VAL A 931 -11.03 27.72 -0.21
N VAL A 932 -12.32 27.82 0.13
CA VAL A 932 -13.35 27.17 -0.67
C VAL A 932 -13.46 27.82 -2.04
N THR A 933 -13.53 29.15 -2.09
CA THR A 933 -13.72 29.83 -3.36
C THR A 933 -12.53 29.59 -4.30
N ASP A 934 -11.31 29.65 -3.77
CA ASP A 934 -10.14 29.40 -4.59
C ASP A 934 -10.11 27.97 -5.13
N THR A 935 -10.87 27.06 -4.54
CA THR A 935 -10.99 25.69 -5.03
C THR A 935 -9.63 25.02 -5.10
N SER A 936 -8.84 25.17 -4.02
CA SER A 936 -7.52 24.59 -3.95
C SER A 936 -7.46 23.31 -3.13
N HIS A 937 -8.50 23.01 -2.36
CA HIS A 937 -8.54 21.83 -1.50
C HIS A 937 -9.89 21.12 -1.64
N THR A 938 -10.28 20.88 -2.90
CA THR A 938 -11.57 20.22 -3.15
C THR A 938 -11.67 18.87 -2.46
N ALA A 939 -10.53 18.23 -2.20
CA ALA A 939 -10.56 16.91 -1.55
C ALA A 939 -11.25 16.96 -0.20
N GLY A 940 -11.13 18.09 0.51
CA GLY A 940 -11.71 18.21 1.84
C GLY A 940 -12.95 19.07 1.88
N LEU A 941 -13.68 19.15 0.76
CA LEU A 941 -14.87 19.97 0.72
C LEU A 941 -15.87 19.57 1.80
N THR A 942 -15.93 18.29 2.14
CA THR A 942 -16.86 17.84 3.17
C THR A 942 -16.54 18.48 4.52
N MET A 943 -15.26 18.56 4.87
CA MET A 943 -14.88 19.19 6.13
C MET A 943 -15.19 20.68 6.12
N HIS A 944 -14.96 21.35 4.99
CA HIS A 944 -15.32 22.76 4.89
C HIS A 944 -16.81 22.94 5.11
N ALA A 945 -17.63 22.09 4.47
CA ALA A 945 -19.07 22.18 4.65
C ALA A 945 -19.46 21.94 6.10
N SER A 946 -18.84 20.95 6.74
CA SER A 946 -19.16 20.65 8.14
C SER A 946 -18.85 21.84 9.03
N ILE A 947 -17.67 22.44 8.87
CA ILE A 947 -17.27 23.56 9.71
C ILE A 947 -18.19 24.75 9.47
N LEU A 948 -18.47 25.05 8.20
CA LEU A 948 -19.33 26.20 7.90
C LEU A 948 -20.73 26.00 8.47
N ALA A 949 -21.27 24.78 8.35
CA ALA A 949 -22.56 24.49 8.92
C ALA A 949 -22.54 24.64 10.45
N TYR A 950 -21.47 24.18 11.08
CA TYR A 950 -21.37 24.31 12.53
C TYR A 950 -21.38 25.76 12.95
N MET A 951 -20.58 26.60 12.27
CA MET A 951 -20.51 28.02 12.66
C MET A 951 -21.83 28.72 12.37
N PHE A 952 -22.48 28.37 11.26
CA PHE A 952 -23.78 28.97 10.94
C PHE A 952 -24.83 28.55 11.97
N ASN A 953 -24.77 27.30 12.45
CA ASN A 953 -25.67 26.89 13.51
C ASN A 953 -25.39 27.65 14.80
N LEU A 954 -24.13 27.85 15.14
CA LEU A 954 -23.79 28.62 16.34
C LEU A 954 -24.40 30.02 16.26
N VAL A 955 -24.20 30.72 15.14
CA VAL A 955 -24.73 32.07 15.03
C VAL A 955 -26.26 32.03 15.02
N GLU A 956 -26.85 31.09 14.30
CA GLU A 956 -28.31 31.07 14.14
C GLU A 956 -29.01 30.81 15.46
N GLU A 957 -28.50 29.86 16.25
CA GLU A 957 -29.13 29.53 17.53
C GLU A 957 -28.97 30.62 18.57
N GLY A 958 -28.17 31.65 18.30
CA GLY A 958 -27.93 32.69 19.29
C GLY A 958 -26.95 32.31 20.37
N LYS A 959 -26.12 31.29 20.13
CA LYS A 959 -25.15 30.88 21.14
C LYS A 959 -24.18 32.01 21.45
N ILE A 960 -23.90 32.88 20.48
CA ILE A 960 -23.03 34.02 20.70
C ILE A 960 -23.88 35.14 21.31
N SER A 961 -23.52 35.57 22.51
CA SER A 961 -24.29 36.55 23.26
C SER A 961 -23.83 37.98 23.04
N THR A 962 -22.83 38.20 22.19
CA THR A 962 -22.31 39.53 21.91
C THR A 962 -22.30 39.77 20.41
N SER A 963 -22.51 41.02 20.03
CA SER A 963 -22.56 41.37 18.61
C SER A 963 -21.18 41.17 17.98
N LEU A 964 -21.15 40.43 16.87
CA LEU A 964 -19.89 40.24 16.16
C LEU A 964 -19.37 41.56 15.62
N ASN A 965 -20.25 42.40 15.09
CA ASN A 965 -19.84 43.71 14.59
C ASN A 965 -19.50 44.61 15.77
N PRO A 966 -18.29 45.16 15.85
CA PRO A 966 -17.97 46.04 16.98
C PRO A 966 -18.45 47.47 16.81
N GLY A 967 -18.78 47.90 15.59
CA GLY A 967 -19.19 49.27 15.38
C GLY A 967 -20.44 49.63 16.14
N ASN A 968 -21.45 48.76 16.10
CA ASN A 968 -22.72 49.02 16.76
C ASN A 968 -23.45 47.70 16.94
N PRO A 969 -24.30 47.58 17.96
CA PRO A 969 -25.08 46.35 18.11
C PRO A 969 -25.99 46.13 16.91
N VAL A 970 -26.13 44.86 16.54
CA VAL A 970 -27.00 44.47 15.42
C VAL A 970 -27.20 42.97 15.47
N ASN A 971 -28.32 42.50 14.92
CA ASN A 971 -28.59 41.07 14.90
C ASN A 971 -27.45 40.34 14.20
N ASN A 972 -26.96 39.27 14.84
CA ASN A 972 -25.84 38.53 14.28
C ASN A 972 -26.21 37.88 12.95
N GLN A 973 -27.46 37.45 12.80
CA GLN A 973 -27.87 36.80 11.56
C GLN A 973 -27.71 37.73 10.37
N ILE A 974 -28.26 38.94 10.47
CA ILE A 974 -28.21 39.88 9.35
C ILE A 974 -26.77 40.25 9.04
N PHE A 975 -25.99 40.55 10.08
CA PHE A 975 -24.61 40.95 9.85
C PHE A 975 -23.80 39.84 9.20
N LEU A 976 -23.99 38.60 9.65
CA LEU A 976 -23.22 37.50 9.08
C LEU A 976 -23.65 37.21 7.65
N GLN A 977 -24.95 37.33 7.36
CA GLN A 977 -25.40 37.15 5.98
C GLN A 977 -24.78 38.21 5.08
N GLU A 978 -24.78 39.46 5.52
CA GLU A 978 -24.16 40.52 4.72
C GLU A 978 -22.66 40.27 4.55
N TYR A 979 -22.00 39.81 5.61
CA TYR A 979 -20.57 39.53 5.54
C TYR A 979 -20.27 38.43 4.52
N VAL A 980 -21.05 37.36 4.54
CA VAL A 980 -20.85 36.27 3.58
C VAL A 980 -21.14 36.75 2.16
N ALA A 981 -22.18 37.56 2.00
CA ALA A 981 -22.48 38.09 0.67
C ALA A 981 -21.32 38.95 0.16
N ASN A 982 -20.75 39.79 1.02
CA ASN A 982 -19.61 40.61 0.63
C ASN A 982 -18.42 39.74 0.27
N LEU A 983 -18.15 38.70 1.06
CA LEU A 983 -17.04 37.81 0.75
C LEU A 983 -17.22 37.16 -0.62
N LEU A 984 -18.42 36.65 -0.89
CA LEU A 984 -18.66 36.01 -2.18
C LEU A 984 -18.55 37.00 -3.33
N LYS A 985 -19.07 38.21 -3.16
CA LYS A 985 -19.02 39.19 -4.23
C LYS A 985 -17.59 39.53 -4.60
N SER A 986 -16.73 39.75 -3.61
CA SER A 986 -15.34 40.07 -3.90
C SER A 986 -14.63 38.92 -4.61
N ALA A 987 -14.89 37.68 -4.16
CA ALA A 987 -14.24 36.54 -4.78
C ALA A 987 -14.68 36.36 -6.24
N PHE A 988 -15.96 36.58 -6.52
CA PHE A 988 -16.54 36.41 -7.85
C PHE A 988 -17.27 37.69 -8.21
N PRO A 989 -16.55 38.70 -8.72
CA PRO A 989 -17.19 40.00 -9.00
C PRO A 989 -18.34 39.94 -9.99
N HIS A 990 -18.31 39.01 -10.94
CA HIS A 990 -19.37 38.94 -11.96
C HIS A 990 -20.72 38.54 -11.37
N LEU A 991 -20.77 38.07 -10.14
CA LEU A 991 -22.04 37.67 -9.54
C LEU A 991 -22.99 38.86 -9.41
N GLN A 992 -24.27 38.60 -9.60
CA GLN A 992 -25.30 39.61 -9.42
C GLN A 992 -25.83 39.53 -8.00
N ASP A 993 -26.33 40.68 -7.51
CA ASP A 993 -26.69 40.78 -6.10
C ASP A 993 -27.75 39.76 -5.71
N ALA A 994 -28.81 39.63 -6.52
CA ALA A 994 -29.90 38.74 -6.17
C ALA A 994 -29.43 37.29 -6.10
N GLN A 995 -28.56 36.87 -7.02
CA GLN A 995 -28.06 35.50 -7.00
C GLN A 995 -27.35 35.20 -5.70
N VAL A 996 -26.43 36.08 -5.29
CA VAL A 996 -25.68 35.86 -4.05
C VAL A 996 -26.61 35.90 -2.85
N LYS A 997 -27.57 36.83 -2.85
CA LYS A 997 -28.51 36.91 -1.74
C LYS A 997 -29.29 35.62 -1.59
N LEU A 998 -29.81 35.09 -2.69
CA LEU A 998 -30.56 33.84 -2.64
C LEU A 998 -29.66 32.69 -2.19
N PHE A 999 -28.43 32.64 -2.70
CA PHE A 999 -27.53 31.55 -2.32
C PHE A 999 -27.26 31.57 -0.82
N VAL A 1000 -26.95 32.74 -0.27
CA VAL A 1000 -26.64 32.82 1.15
C VAL A 1000 -27.88 32.54 1.99
N THR A 1001 -29.05 33.03 1.56
CA THR A 1001 -30.27 32.75 2.29
C THR A 1001 -30.55 31.26 2.34
N GLY A 1002 -30.40 30.58 1.22
CA GLY A 1002 -30.62 29.14 1.19
C GLY A 1002 -29.59 28.38 2.01
N LEU A 1003 -28.33 28.84 1.98
CA LEU A 1003 -27.27 28.13 2.68
C LEU A 1003 -27.52 28.08 4.18
N PHE A 1004 -27.99 29.19 4.76
CA PHE A 1004 -28.22 29.23 6.21
C PHE A 1004 -29.28 28.23 6.63
N SER A 1005 -30.35 28.10 5.86
CA SER A 1005 -31.45 27.22 6.25
C SER A 1005 -31.05 25.76 6.30
N LEU A 1006 -29.94 25.40 5.66
CA LEU A 1006 -29.48 24.01 5.62
C LEU A 1006 -28.36 23.72 6.60
N ASN A 1007 -28.14 24.60 7.58
CA ASN A 1007 -27.06 24.40 8.53
C ASN A 1007 -27.26 23.15 9.40
N GLN A 1008 -28.49 22.66 9.51
CA GLN A 1008 -28.79 21.48 10.31
C GLN A 1008 -28.66 20.17 9.54
N ASP A 1009 -28.41 20.23 8.23
CA ASP A 1009 -28.34 19.04 7.38
C ASP A 1009 -27.03 19.11 6.59
N ILE A 1010 -25.99 18.44 7.10
CA ILE A 1010 -24.67 18.55 6.49
C ILE A 1010 -24.66 18.07 5.04
N PRO A 1011 -25.24 16.92 4.70
CA PRO A 1011 -25.25 16.53 3.27
C PRO A 1011 -25.93 17.55 2.37
N ALA A 1012 -27.06 18.11 2.80
CA ALA A 1012 -27.74 19.12 1.99
C ALA A 1012 -26.88 20.38 1.88
N PHE A 1013 -26.24 20.78 2.97
CA PHE A 1013 -25.34 21.92 2.94
C PHE A 1013 -24.23 21.70 1.92
N LYS A 1014 -23.59 20.53 1.98
CA LYS A 1014 -22.52 20.22 1.03
C LYS A 1014 -23.02 20.23 -0.40
N GLU A 1015 -24.18 19.64 -0.65
CA GLU A 1015 -24.71 19.60 -2.01
C GLU A 1015 -25.02 21.00 -2.53
N HIS A 1016 -25.61 21.85 -1.68
CA HIS A 1016 -25.93 23.20 -2.09
C HIS A 1016 -24.66 23.99 -2.42
N LEU A 1017 -23.65 23.88 -1.55
CA LEU A 1017 -22.40 24.58 -1.80
C LEU A 1017 -21.73 24.09 -3.07
N ARG A 1018 -21.74 22.77 -3.28
CA ARG A 1018 -21.13 22.21 -4.48
C ARG A 1018 -21.89 22.64 -5.73
N ASP A 1019 -23.21 22.73 -5.65
CA ASP A 1019 -23.99 23.21 -6.79
C ASP A 1019 -23.62 24.65 -7.13
N PHE A 1020 -23.48 25.49 -6.10
CA PHE A 1020 -23.06 26.87 -6.34
C PHE A 1020 -21.70 26.91 -7.03
N LEU A 1021 -20.72 26.18 -6.49
CA LEU A 1021 -19.39 26.18 -7.10
C LEU A 1021 -19.44 25.63 -8.52
N VAL A 1022 -20.26 24.60 -8.76
CA VAL A 1022 -20.34 23.99 -10.08
C VAL A 1022 -20.88 24.99 -11.09
N GLN A 1023 -21.96 25.70 -10.73
CA GLN A 1023 -22.51 26.66 -11.66
C GLN A 1023 -21.53 27.80 -11.93
N ILE A 1024 -20.82 28.26 -10.89
CA ILE A 1024 -19.83 29.31 -11.10
C ILE A 1024 -18.74 28.84 -12.06
N LYS A 1025 -18.22 27.63 -11.83
CA LYS A 1025 -17.17 27.12 -12.71
C LYS A 1025 -17.67 26.93 -14.13
N GLU A 1026 -18.89 26.42 -14.29
CA GLU A 1026 -19.43 26.23 -15.63
C GLU A 1026 -19.59 27.55 -16.36
N PHE A 1027 -20.05 28.60 -15.66
CA PHE A 1027 -20.08 29.92 -16.28
C PHE A 1027 -18.68 30.37 -16.65
N ALA A 1028 -17.71 30.15 -15.77
CA ALA A 1028 -16.32 30.45 -16.07
C ALA A 1028 -15.73 29.53 -17.12
N GLY A 1029 -16.42 28.44 -17.46
CA GLY A 1029 -15.93 27.52 -18.47
C GLY A 1029 -14.81 26.61 -18.03
N GLU A 1030 -14.66 26.39 -16.72
CA GLU A 1030 -13.61 25.54 -16.19
C GLU A 1030 -14.16 24.16 -15.87
N ASP A 1031 -13.30 23.16 -15.99
CA ASP A 1031 -13.69 21.79 -15.70
C ASP A 1031 -14.06 21.63 -14.23
N THR A 1032 -15.12 20.86 -13.98
CA THR A 1032 -15.61 20.62 -12.63
C THR A 1032 -15.31 19.22 -12.12
N SER A 1033 -14.46 18.47 -12.83
CA SER A 1033 -14.18 17.10 -12.42
C SER A 1033 -13.53 17.04 -11.05
N ASP A 1034 -12.56 17.91 -10.78
CA ASP A 1034 -11.86 17.88 -9.51
C ASP A 1034 -12.77 18.17 -8.34
N LEU A 1035 -13.89 18.86 -8.56
CA LEU A 1035 -14.81 19.20 -7.49
C LEU A 1035 -15.60 18.00 -6.98
N PHE A 1036 -15.54 16.86 -7.67
CA PHE A 1036 -16.22 15.64 -7.25
C PHE A 1036 -15.22 14.55 -6.83
N LEU A 1037 -14.01 14.95 -6.42
CA LEU A 1037 -12.98 13.96 -6.10
C LEU A 1037 -13.40 13.06 -4.95
N GLU A 1038 -14.14 13.58 -3.98
CA GLU A 1038 -14.49 12.80 -2.80
C GLU A 1038 -15.33 11.59 -3.17
N GLU A 1039 -16.31 11.76 -4.07
CA GLU A 1039 -17.15 10.64 -4.46
C GLU A 1039 -16.34 9.55 -5.14
N ARG A 1040 -15.44 9.94 -6.05
CA ARG A 1040 -14.63 8.94 -6.74
C ARG A 1040 -13.72 8.22 -5.77
N GLU A 1041 -13.12 8.94 -4.82
CA GLU A 1041 -12.26 8.31 -3.83
C GLU A 1041 -13.06 7.33 -2.97
N ILE A 1042 -14.27 7.71 -2.57
CA ILE A 1042 -15.11 6.82 -1.78
C ILE A 1042 -15.46 5.57 -2.58
N ALA A 1043 -15.78 5.74 -3.86
CA ALA A 1043 -16.08 4.57 -4.69
C ALA A 1043 -14.89 3.64 -4.80
N LEU A 1044 -13.69 4.19 -5.01
CA LEU A 1044 -12.49 3.35 -5.09
C LEU A 1044 -12.26 2.63 -3.78
N ARG A 1045 -12.41 3.32 -2.65
CA ARG A 1045 -12.21 2.70 -1.36
C ARG A 1045 -13.21 1.57 -1.13
N GLN A 1046 -14.47 1.80 -1.49
CA GLN A 1046 -15.47 0.75 -1.32
C GLN A 1046 -15.17 -0.45 -2.20
N ALA A 1047 -14.73 -0.21 -3.43
CA ALA A 1047 -14.37 -1.33 -4.31
C ALA A 1047 -13.22 -2.13 -3.73
N ASP A 1048 -12.18 -1.44 -3.23
CA ASP A 1048 -11.06 -2.15 -2.63
C ASP A 1048 -11.49 -2.93 -1.41
N GLU A 1049 -12.35 -2.34 -0.57
CA GLU A 1049 -12.83 -3.04 0.62
C GLU A 1049 -13.62 -4.28 0.24
N GLU A 1050 -14.47 -4.17 -0.78
CA GLU A 1050 -15.24 -5.33 -1.23
C GLU A 1050 -14.32 -6.42 -1.75
N LYS A 1051 -13.30 -6.05 -2.52
CA LYS A 1051 -12.36 -7.05 -3.01
C LYS A 1051 -11.65 -7.73 -1.84
N HIS A 1052 -11.21 -6.96 -0.85
CA HIS A 1052 -10.56 -7.54 0.31
C HIS A 1052 -11.49 -8.50 1.06
N LYS A 1053 -12.75 -8.09 1.22
CA LYS A 1053 -13.72 -8.94 1.92
C LYS A 1053 -13.95 -10.24 1.17
N ARG A 1054 -14.02 -10.17 -0.16
CA ARG A 1054 -14.25 -11.39 -0.94
C ARG A 1054 -13.08 -12.36 -0.78
N GLN A 1055 -11.85 -11.85 -0.85
CA GLN A 1055 -10.69 -12.73 -0.73
C GLN A 1055 -10.61 -13.36 0.65
N MET A 1056 -10.93 -12.60 1.70
CA MET A 1056 -10.81 -13.12 3.05
C MET A 1056 -11.62 -14.39 3.26
N SER A 1057 -12.68 -14.58 2.48
CA SER A 1057 -13.52 -15.76 2.63
C SER A 1057 -12.91 -17.02 2.01
N VAL A 1058 -11.86 -16.88 1.21
CA VAL A 1058 -11.21 -18.01 0.56
C VAL A 1058 -9.94 -18.33 1.35
N PRO A 1059 -9.86 -19.45 2.06
CA PRO A 1059 -8.64 -19.77 2.80
C PRO A 1059 -7.44 -19.89 1.87
N GLY A 1060 -6.30 -19.39 2.34
CA GLY A 1060 -5.04 -19.56 1.67
C GLY A 1060 -4.60 -18.38 0.81
N ILE A 1061 -5.53 -17.49 0.43
CA ILE A 1061 -5.15 -16.35 -0.38
C ILE A 1061 -4.27 -15.39 0.41
N PHE A 1062 -4.57 -15.21 1.69
CA PHE A 1062 -3.78 -14.37 2.56
C PHE A 1062 -2.86 -15.24 3.42
N ASN A 1063 -1.66 -14.73 3.68
CA ASN A 1063 -0.71 -15.46 4.49
C ASN A 1063 -1.27 -15.66 5.90
N PRO A 1064 -0.86 -16.72 6.61
CA PRO A 1064 -1.27 -16.86 8.01
C PRO A 1064 -0.80 -15.72 8.88
N HIS A 1065 0.19 -14.96 8.43
CA HIS A 1065 0.69 -13.79 9.16
C HIS A 1065 -0.06 -12.51 8.82
N GLU A 1066 -1.00 -12.57 7.87
CA GLU A 1066 -1.82 -11.41 7.52
C GLU A 1066 -3.20 -11.45 8.14
N ILE A 1067 -3.78 -12.63 8.28
CA ILE A 1067 -5.12 -12.75 8.88
C ILE A 1067 -5.04 -12.36 10.35
N PRO A 1068 -5.93 -11.51 10.87
CA PRO A 1068 -5.92 -11.22 12.29
C PRO A 1068 -5.99 -12.50 13.13
N GLU A 1069 -5.23 -12.51 14.22
CA GLU A 1069 -5.20 -13.65 15.11
C GLU A 1069 -4.61 -13.25 16.46
#